data_2Q79
# 
_entry.id   2Q79 
# 
_audit_conform.dict_name       mmcif_pdbx.dic 
_audit_conform.dict_version    5.377 
_audit_conform.dict_location   http://mmcif.pdb.org/dictionaries/ascii/mmcif_pdbx.dic 
# 
loop_
_database_2.database_id 
_database_2.database_code 
_database_2.pdbx_database_accession 
_database_2.pdbx_DOI 
PDB   2Q79         pdb_00002q79 10.2210/pdb2q79/pdb 
RCSB  RCSB043237   ?            ?                   
WWPDB D_1000043237 ?            ?                   
# 
_pdbx_database_related.db_name        PDB 
_pdbx_database_related.db_id          1BY9 
_pdbx_database_related.details        'The same protein, E2C HPV16 but without the 12aa linker for monomerization.' 
_pdbx_database_related.content_type   unspecified 
# 
_pdbx_database_status.status_code                     REL 
_pdbx_database_status.entry_id                        2Q79 
_pdbx_database_status.recvd_initial_deposition_date   2007-06-06 
_pdbx_database_status.deposit_site                    RCSB 
_pdbx_database_status.process_site                    RCSB 
_pdbx_database_status.status_code_sf                  REL 
_pdbx_database_status.status_code_mr                  ? 
_pdbx_database_status.SG_entry                        ? 
_pdbx_database_status.pdb_format_compatible           Y 
_pdbx_database_status.status_code_cs                  ? 
_pdbx_database_status.status_code_nmr_data            ? 
_pdbx_database_status.methods_development_category    ? 
# 
_audit_author.name           'Freire, E.' 
_audit_author.pdbx_ordinal   1 
# 
_citation.id                        primary 
_citation.title                     
;Increased Stability and DNA Site Discrimination of "Single Chain" Variants of the Dimeric beta-Barrel DNA Binding Domain of the Human Papillomavirus E2 Transcriptional Regulator.
;
_citation.journal_abbrev            Biochemistry 
_citation.journal_volume            46 
_citation.page_first                12441 
_citation.page_last                 12450 
_citation.year                      2007 
_citation.journal_id_ASTM           BICHAW 
_citation.country                   US 
_citation.journal_id_ISSN           0006-2960 
_citation.journal_id_CSD            0033 
_citation.book_publisher            ? 
_citation.pdbx_database_id_PubMed   17915949 
_citation.pdbx_database_id_DOI      10.1021/bi701104q 
# 
loop_
_citation_author.citation_id 
_citation_author.name 
_citation_author.ordinal 
_citation_author.identifier_ORCID 
primary 'Dellarole, M.' 1 ? 
primary 'Sanchez, I.E.' 2 ? 
primary 'Freire, E.'    3 ? 
primary 'Prat-Gay, G.'  4 ? 
# 
_cell.entry_id           2Q79 
_cell.length_a           43.165 
_cell.length_b           43.165 
_cell.length_c           74.918 
_cell.angle_alpha        90.00 
_cell.angle_beta         90.00 
_cell.angle_gamma        120.00 
_cell.Z_PDB              6 
_cell.pdbx_unique_axis   ? 
_cell.length_a_esd       ? 
_cell.length_b_esd       ? 
_cell.length_c_esd       ? 
_cell.angle_alpha_esd    ? 
_cell.angle_beta_esd     ? 
_cell.angle_gamma_esd    ? 
# 
_symmetry.entry_id                         2Q79 
_symmetry.space_group_name_H-M             'P 31 2 1' 
_symmetry.pdbx_full_space_group_name_H-M   ? 
_symmetry.cell_setting                     ? 
_symmetry.Int_Tables_number                152 
_symmetry.space_group_name_Hall            ? 
# 
loop_
_entity.id 
_entity.type 
_entity.src_method 
_entity.pdbx_description 
_entity.formula_weight 
_entity.pdbx_number_of_molecules 
_entity.pdbx_ec 
_entity.pdbx_mutation 
_entity.pdbx_fragment 
_entity.details 
1 polymer     man 'Regulatory protein E2' 10157.551 1  ? ? ? ? 
2 non-polymer syn 'SULFATE ION'           96.063    1  ? ? ? ? 
3 water       nat water                   18.015    40 ? ? ? ? 
# 
_entity_poly.entity_id                      1 
_entity_poly.type                           'polypeptide(L)' 
_entity_poly.nstd_linkage                   no 
_entity_poly.nstd_monomer                   no 
_entity_poly.pdbx_seq_one_letter_code       
;TTPIVHLKGDANTLKCLRYRFKKHCTLYTAVSSTWHWTGHNVKHKSAIVTLTYDSEWQRDQFLSQVKIPKTITVSTGFMS
IGGGTGGGSGGGS
;
_entity_poly.pdbx_seq_one_letter_code_can   
;TTPIVHLKGDANTLKCLRYRFKKHCTLYTAVSSTWHWTGHNVKHKSAIVTLTYDSEWQRDQFLSQVKIPKTITVSTGFMS
IGGGTGGGSGGGS
;
_entity_poly.pdbx_strand_id                 A 
_entity_poly.pdbx_target_identifier         ? 
# 
loop_
_entity_poly_seq.entity_id 
_entity_poly_seq.num 
_entity_poly_seq.mon_id 
_entity_poly_seq.hetero 
1 1  THR n 
1 2  THR n 
1 3  PRO n 
1 4  ILE n 
1 5  VAL n 
1 6  HIS n 
1 7  LEU n 
1 8  LYS n 
1 9  GLY n 
1 10 ASP n 
1 11 ALA n 
1 12 ASN n 
1 13 THR n 
1 14 LEU n 
1 15 LYS n 
1 16 CYS n 
1 17 LEU n 
1 18 ARG n 
1 19 TYR n 
1 20 ARG n 
1 21 PHE n 
1 22 LYS n 
1 23 LYS n 
1 24 HIS n 
1 25 CYS n 
1 26 THR n 
1 27 LEU n 
1 28 TYR n 
1 29 THR n 
1 30 ALA n 
1 31 VAL n 
1 32 SER n 
1 33 SER n 
1 34 THR n 
1 35 TRP n 
1 36 HIS n 
1 37 TRP n 
1 38 THR n 
1 39 GLY n 
1 40 HIS n 
1 41 ASN n 
1 42 VAL n 
1 43 LYS n 
1 44 HIS n 
1 45 LYS n 
1 46 SER n 
1 47 ALA n 
1 48 ILE n 
1 49 VAL n 
1 50 THR n 
1 51 LEU n 
1 52 THR n 
1 53 TYR n 
1 54 ASP n 
1 55 SER n 
1 56 GLU n 
1 57 TRP n 
1 58 GLN n 
1 59 ARG n 
1 60 ASP n 
1 61 GLN n 
1 62 PHE n 
1 63 LEU n 
1 64 SER n 
1 65 GLN n 
1 66 VAL n 
1 67 LYS n 
1 68 ILE n 
1 69 PRO n 
1 70 LYS n 
1 71 THR n 
1 72 ILE n 
1 73 THR n 
1 74 VAL n 
1 75 SER n 
1 76 THR n 
1 77 GLY n 
1 78 PHE n 
1 79 MET n 
1 80 SER n 
1 81 ILE n 
1 82 GLY n 
1 83 GLY n 
1 84 GLY n 
1 85 THR n 
1 86 GLY n 
1 87 GLY n 
1 88 GLY n 
1 89 SER n 
1 90 GLY n 
1 91 GLY n 
1 92 GLY n 
1 93 SER n 
# 
_entity_src_gen.entity_id                          1 
_entity_src_gen.pdbx_src_id                        1 
_entity_src_gen.pdbx_alt_source_flag               sample 
_entity_src_gen.pdbx_seq_type                      ? 
_entity_src_gen.pdbx_beg_seq_num                   ? 
_entity_src_gen.pdbx_end_seq_num                   ? 
_entity_src_gen.gene_src_common_name               ? 
_entity_src_gen.gene_src_genus                     Alphapapillomavirus 
_entity_src_gen.pdbx_gene_src_gene                 E2 
_entity_src_gen.gene_src_species                   'Human papillomavirus - 16' 
_entity_src_gen.gene_src_strain                    HPV16 
_entity_src_gen.gene_src_tissue                    ? 
_entity_src_gen.gene_src_tissue_fraction           ? 
_entity_src_gen.gene_src_details                   ? 
_entity_src_gen.pdbx_gene_src_fragment             ? 
_entity_src_gen.pdbx_gene_src_scientific_name      'Human papillomavirus type 16' 
_entity_src_gen.pdbx_gene_src_ncbi_taxonomy_id     333760 
_entity_src_gen.pdbx_gene_src_variant              ? 
_entity_src_gen.pdbx_gene_src_cell_line            ? 
_entity_src_gen.pdbx_gene_src_atcc                 ? 
_entity_src_gen.pdbx_gene_src_organ                ? 
_entity_src_gen.pdbx_gene_src_organelle            ? 
_entity_src_gen.pdbx_gene_src_cell                 ? 
_entity_src_gen.pdbx_gene_src_cellular_location    ? 
_entity_src_gen.host_org_common_name               ? 
_entity_src_gen.pdbx_host_org_scientific_name      'Escherichia coli' 
_entity_src_gen.pdbx_host_org_ncbi_taxonomy_id     562 
_entity_src_gen.host_org_genus                     Escherichia 
_entity_src_gen.pdbx_host_org_gene                 ? 
_entity_src_gen.pdbx_host_org_organ                ? 
_entity_src_gen.host_org_species                   ? 
_entity_src_gen.pdbx_host_org_tissue               ? 
_entity_src_gen.pdbx_host_org_tissue_fraction      ? 
_entity_src_gen.pdbx_host_org_strain               'Bl21(DE3) plys' 
_entity_src_gen.pdbx_host_org_variant              ? 
_entity_src_gen.pdbx_host_org_cell_line            ? 
_entity_src_gen.pdbx_host_org_atcc                 ? 
_entity_src_gen.pdbx_host_org_culture_collection   ? 
_entity_src_gen.pdbx_host_org_cell                 ? 
_entity_src_gen.pdbx_host_org_organelle            ? 
_entity_src_gen.pdbx_host_org_cellular_location    ? 
_entity_src_gen.pdbx_host_org_vector_type          Plasmid 
_entity_src_gen.pdbx_host_org_vector               ? 
_entity_src_gen.host_org_details                   ? 
_entity_src_gen.expression_system_id               ? 
_entity_src_gen.plasmid_name                       PTZU18 
_entity_src_gen.plasmid_details                    ? 
_entity_src_gen.pdbx_description                   ? 
# 
_struct_ref.id                         1 
_struct_ref.db_name                    UNP 
_struct_ref.db_code                    VE2_HPV16 
_struct_ref.pdbx_db_accession          P03120 
_struct_ref.entity_id                  1 
_struct_ref.pdbx_seq_one_letter_code   
;TTPIVHLKGDANTLKCLRYRFKKHCTLYTAVSSTWHWTGHNVKHKSAIVTLTYDSEWQRDQFLSQVKIPKTITVSTGFMS
I
;
_struct_ref.pdbx_align_begin           285 
_struct_ref.pdbx_db_isoform            ? 
# 
_struct_ref_seq.align_id                      1 
_struct_ref_seq.ref_id                        1 
_struct_ref_seq.pdbx_PDB_id_code              2Q79 
_struct_ref_seq.pdbx_strand_id                A 
_struct_ref_seq.seq_align_beg                 1 
_struct_ref_seq.pdbx_seq_align_beg_ins_code   ? 
_struct_ref_seq.seq_align_end                 81 
_struct_ref_seq.pdbx_seq_align_end_ins_code   ? 
_struct_ref_seq.pdbx_db_accession             P03120 
_struct_ref_seq.db_align_beg                  285 
_struct_ref_seq.pdbx_db_align_beg_ins_code    ? 
_struct_ref_seq.db_align_end                  365 
_struct_ref_seq.pdbx_db_align_end_ins_code    ? 
_struct_ref_seq.pdbx_auth_seq_align_beg       283 
_struct_ref_seq.pdbx_auth_seq_align_end       363 
# 
loop_
_struct_ref_seq_dif.align_id 
_struct_ref_seq_dif.pdbx_pdb_id_code 
_struct_ref_seq_dif.mon_id 
_struct_ref_seq_dif.pdbx_pdb_strand_id 
_struct_ref_seq_dif.seq_num 
_struct_ref_seq_dif.pdbx_pdb_ins_code 
_struct_ref_seq_dif.pdbx_seq_db_name 
_struct_ref_seq_dif.pdbx_seq_db_accession_code 
_struct_ref_seq_dif.db_mon_id 
_struct_ref_seq_dif.pdbx_seq_db_seq_num 
_struct_ref_seq_dif.details 
_struct_ref_seq_dif.pdbx_auth_seq_num 
_struct_ref_seq_dif.pdbx_ordinal 
1 2Q79 GLY A 82 ? UNP P03120 ? ? 'expression tag' 364 1  
1 2Q79 GLY A 83 ? UNP P03120 ? ? 'expression tag' 365 2  
1 2Q79 GLY A 84 ? UNP P03120 ? ? 'expression tag' 366 3  
1 2Q79 THR A 85 ? UNP P03120 ? ? 'expression tag' 367 4  
1 2Q79 GLY A 86 ? UNP P03120 ? ? 'expression tag' 368 5  
1 2Q79 GLY A 87 ? UNP P03120 ? ? 'expression tag' 369 6  
1 2Q79 GLY A 88 ? UNP P03120 ? ? 'expression tag' 370 7  
1 2Q79 SER A 89 ? UNP P03120 ? ? 'expression tag' 371 8  
1 2Q79 GLY A 90 ? UNP P03120 ? ? 'expression tag' 372 9  
1 2Q79 GLY A 91 ? UNP P03120 ? ? 'expression tag' 373 10 
1 2Q79 GLY A 92 ? UNP P03120 ? ? 'expression tag' 374 11 
1 2Q79 SER A 93 ? UNP P03120 ? ? 'expression tag' 375 12 
# 
loop_
_chem_comp.id 
_chem_comp.type 
_chem_comp.mon_nstd_flag 
_chem_comp.name 
_chem_comp.pdbx_synonyms 
_chem_comp.formula 
_chem_comp.formula_weight 
ALA 'L-peptide linking' y ALANINE         ? 'C3 H7 N O2'     89.093  
ARG 'L-peptide linking' y ARGININE        ? 'C6 H15 N4 O2 1' 175.209 
ASN 'L-peptide linking' y ASPARAGINE      ? 'C4 H8 N2 O3'    132.118 
ASP 'L-peptide linking' y 'ASPARTIC ACID' ? 'C4 H7 N O4'     133.103 
CYS 'L-peptide linking' y CYSTEINE        ? 'C3 H7 N O2 S'   121.158 
GLN 'L-peptide linking' y GLUTAMINE       ? 'C5 H10 N2 O3'   146.144 
GLU 'L-peptide linking' y 'GLUTAMIC ACID' ? 'C5 H9 N O4'     147.129 
GLY 'peptide linking'   y GLYCINE         ? 'C2 H5 N O2'     75.067  
HIS 'L-peptide linking' y HISTIDINE       ? 'C6 H10 N3 O2 1' 156.162 
HOH non-polymer         . WATER           ? 'H2 O'           18.015  
ILE 'L-peptide linking' y ISOLEUCINE      ? 'C6 H13 N O2'    131.173 
LEU 'L-peptide linking' y LEUCINE         ? 'C6 H13 N O2'    131.173 
LYS 'L-peptide linking' y LYSINE          ? 'C6 H15 N2 O2 1' 147.195 
MET 'L-peptide linking' y METHIONINE      ? 'C5 H11 N O2 S'  149.211 
PHE 'L-peptide linking' y PHENYLALANINE   ? 'C9 H11 N O2'    165.189 
PRO 'L-peptide linking' y PROLINE         ? 'C5 H9 N O2'     115.130 
SER 'L-peptide linking' y SERINE          ? 'C3 H7 N O3'     105.093 
SO4 non-polymer         . 'SULFATE ION'   ? 'O4 S -2'        96.063  
THR 'L-peptide linking' y THREONINE       ? 'C4 H9 N O3'     119.119 
TRP 'L-peptide linking' y TRYPTOPHAN      ? 'C11 H12 N2 O2'  204.225 
TYR 'L-peptide linking' y TYROSINE        ? 'C9 H11 N O3'    181.189 
VAL 'L-peptide linking' y VALINE          ? 'C5 H11 N O2'    117.146 
# 
_exptl.entry_id          2Q79 
_exptl.method            'X-RAY DIFFRACTION' 
_exptl.crystals_number   1 
# 
_exptl_crystal.id                    1 
_exptl_crystal.density_meas          ? 
_exptl_crystal.density_Matthews      1.98 
_exptl_crystal.density_percent_sol   37.98 
_exptl_crystal.description           ? 
_exptl_crystal.F_000                 ? 
_exptl_crystal.preparation           ? 
# 
_exptl_crystal_grow.crystal_id      1 
_exptl_crystal_grow.method          'VAPOR DIFFUSION, HANGING DROP' 
_exptl_crystal_grow.temp            298 
_exptl_crystal_grow.temp_details    ? 
_exptl_crystal_grow.pH              5.21 
_exptl_crystal_grow.pdbx_details    
;80 mM sodium citrate, 1.53 M (NH4)2SO4, 150 mM sodium and potassium tartrate, pH 5.21, VAPOR DIFFUSION, HANGING DROP, temperature 298K
;
_exptl_crystal_grow.pdbx_pH_range   . 
# 
_diffrn.id                     1 
_diffrn.ambient_temp           100 
_diffrn.ambient_temp_details   ? 
_diffrn.crystal_id             1 
# 
_diffrn_detector.diffrn_id              1 
_diffrn_detector.detector               CCD 
_diffrn_detector.type                   'MAR CCD 165 mm' 
_diffrn_detector.pdbx_collection_date   2005-04-14 
_diffrn_detector.details                ? 
# 
_diffrn_radiation.diffrn_id                        1 
_diffrn_radiation.wavelength_id                    1 
_diffrn_radiation.pdbx_monochromatic_or_laue_m_l   M 
_diffrn_radiation.monochromator                    'SI DOUBLE CRYSTAL MONOCROMATOR' 
_diffrn_radiation.pdbx_diffrn_protocol             'SINGLE WAVELENGTH' 
_diffrn_radiation.pdbx_scattering_type             x-ray 
# 
_diffrn_radiation_wavelength.id           1 
_diffrn_radiation_wavelength.wavelength   0.9791 
_diffrn_radiation_wavelength.wt           1.0 
# 
_diffrn_source.diffrn_id                   1 
_diffrn_source.source                      SYNCHROTRON 
_diffrn_source.type                        'NSLS BEAMLINE X9A' 
_diffrn_source.pdbx_synchrotron_site       NSLS 
_diffrn_source.pdbx_synchrotron_beamline   X9A 
_diffrn_source.pdbx_wavelength             ? 
_diffrn_source.pdbx_wavelength_list        0.9791 
# 
_reflns.entry_id                     2Q79 
_reflns.observed_criterion_sigma_F   0 
_reflns.observed_criterion_sigma_I   0 
_reflns.d_resolution_high            1.8 
_reflns.d_resolution_low             26.44 
_reflns.number_all                   7897 
_reflns.number_obs                   7833 
_reflns.percent_possible_obs         99.3 
_reflns.pdbx_Rmerge_I_obs            0.045 
_reflns.pdbx_Rsym_value              0.045 
_reflns.pdbx_netI_over_sigmaI        25.5 
_reflns.B_iso_Wilson_estimate        23.9 
_reflns.pdbx_redundancy              5.1 
_reflns.R_free_details               ? 
_reflns.limit_h_max                  ? 
_reflns.limit_h_min                  ? 
_reflns.limit_k_max                  ? 
_reflns.limit_k_min                  ? 
_reflns.limit_l_max                  ? 
_reflns.limit_l_min                  ? 
_reflns.observed_criterion_F_max     ? 
_reflns.observed_criterion_F_min     ? 
_reflns.pdbx_chi_squared             ? 
_reflns.pdbx_scaling_rejects         ? 
_reflns.pdbx_ordinal                 1 
_reflns.pdbx_diffrn_id               1 
# 
_reflns_shell.d_res_high             1.8 
_reflns_shell.d_res_low              1.9 
_reflns_shell.percent_possible_all   100 
_reflns_shell.Rmerge_I_obs           0.185 
_reflns_shell.pdbx_Rsym_value        0.185 
_reflns_shell.meanI_over_sigI_obs    6.8 
_reflns_shell.pdbx_redundancy        5.1 
_reflns_shell.percent_possible_obs   ? 
_reflns_shell.number_unique_all      1103 
_reflns_shell.number_measured_all    ? 
_reflns_shell.number_measured_obs    ? 
_reflns_shell.number_unique_obs      ? 
_reflns_shell.pdbx_chi_squared       ? 
_reflns_shell.pdbx_ordinal           1 
_reflns_shell.pdbx_diffrn_id         1 
# 
_refine.entry_id                                 2Q79 
_refine.ls_d_res_high                            1.8 
_refine.ls_d_res_low                             26.44 
_refine.pdbx_ls_sigma_F                          2 
_refine.pdbx_ls_sigma_I                          ? 
_refine.ls_number_reflns_all                     7889 
_refine.ls_number_reflns_obs                     7741 
_refine.ls_number_reflns_R_free                  411 
_refine.ls_percent_reflns_obs                    98.1 
_refine.ls_R_factor_all                          ? 
_refine.ls_R_factor_obs                          0.2273 
_refine.ls_R_factor_R_work                       0.2266 
_refine.ls_R_factor_R_free                       0.2407 
_refine.ls_redundancy_reflns_obs                 ? 
_refine.pdbx_data_cutoff_high_absF               ? 
_refine.pdbx_data_cutoff_low_absF                ? 
_refine.ls_number_parameters                     ? 
_refine.ls_number_restraints                     ? 
_refine.ls_percent_reflns_R_free                 ? 
_refine.ls_R_factor_R_free_error                 ? 
_refine.ls_R_factor_R_free_error_details         ? 
_refine.pdbx_method_to_determine_struct          'MOLECULAR REPLACEMENT' 
_refine.pdbx_starting_model                      'PDB entry 1BY9' 
_refine.pdbx_ls_cross_valid_method               THROUGHOUT 
_refine.pdbx_R_Free_selection_details            random 
_refine.pdbx_stereochem_target_val_spec_case     ? 
_refine.pdbx_stereochemistry_target_values       'Engh & Huber' 
_refine.solvent_model_details                    ? 
_refine.solvent_model_param_bsol                 ? 
_refine.solvent_model_param_ksol                 ? 
_refine.occupancy_max                            ? 
_refine.occupancy_min                            ? 
_refine.pdbx_isotropic_thermal_model             isotropic 
_refine.B_iso_mean                               23.9 
_refine.aniso_B[1][1]                            ? 
_refine.aniso_B[1][2]                            ? 
_refine.aniso_B[1][3]                            ? 
_refine.aniso_B[2][2]                            ? 
_refine.aniso_B[2][3]                            ? 
_refine.aniso_B[3][3]                            ? 
_refine.details                                  ? 
_refine.B_iso_min                                ? 
_refine.B_iso_max                                ? 
_refine.correlation_coeff_Fo_to_Fc               ? 
_refine.correlation_coeff_Fo_to_Fc_free          ? 
_refine.pdbx_solvent_vdw_probe_radii             ? 
_refine.pdbx_solvent_ion_probe_radii             ? 
_refine.pdbx_solvent_shrinkage_radii             ? 
_refine.overall_SU_R_Cruickshank_DPI             ? 
_refine.overall_SU_R_free                        ? 
_refine.overall_SU_ML                            ? 
_refine.overall_SU_B                             ? 
_refine.pdbx_overall_ESU_R_Free                  ? 
_refine.pdbx_data_cutoff_high_rms_absF           ? 
_refine.pdbx_overall_ESU_R                       ? 
_refine.ls_wR_factor_R_free                      ? 
_refine.ls_wR_factor_R_work                      ? 
_refine.overall_FOM_free_R_set                   ? 
_refine.overall_FOM_work_R_set                   ? 
_refine.pdbx_refine_id                           'X-RAY DIFFRACTION' 
_refine.pdbx_diffrn_id                           1 
_refine.pdbx_TLS_residual_ADP_flag               ? 
_refine.pdbx_overall_phase_error                 ? 
_refine.pdbx_overall_SU_R_free_Cruickshank_DPI   ? 
_refine.pdbx_overall_SU_R_Blow_DPI               ? 
_refine.pdbx_overall_SU_R_free_Blow_DPI          ? 
# 
_refine_hist.pdbx_refine_id                   'X-RAY DIFFRACTION' 
_refine_hist.cycle_id                         LAST 
_refine_hist.pdbx_number_atoms_protein        602 
_refine_hist.pdbx_number_atoms_nucleic_acid   0 
_refine_hist.pdbx_number_atoms_ligand         5 
_refine_hist.number_atoms_solvent             40 
_refine_hist.number_atoms_total               647 
_refine_hist.d_res_high                       1.8 
_refine_hist.d_res_low                        26.44 
# 
loop_
_refine_ls_restr.type 
_refine_ls_restr.dev_ideal 
_refine_ls_restr.dev_ideal_target 
_refine_ls_restr.weight 
_refine_ls_restr.number 
_refine_ls_restr.pdbx_refine_id 
_refine_ls_restr.pdbx_restraint_function 
c_bond_d    0.005226 ? ? ? 'X-RAY DIFFRACTION' ? 
c_angle_deg 1.07807  ? ? ? 'X-RAY DIFFRACTION' ? 
# 
_struct.entry_id                  2Q79 
_struct.title                     'Crystal Structure of single chain E2C from HPV16 with a 12aa linker for monomerization.' 
_struct.pdbx_model_details        ? 
_struct.pdbx_CASP_flag            ? 
_struct.pdbx_model_type_details   ? 
# 
_struct_keywords.entry_id        2Q79 
_struct_keywords.pdbx_keywords   'DNA BINDING PROTEIN' 
_struct_keywords.text            'Beta barrel, DNA BINDING PROTEIN' 
# 
loop_
_struct_asym.id 
_struct_asym.pdbx_blank_PDB_chainid_flag 
_struct_asym.pdbx_modified 
_struct_asym.entity_id 
_struct_asym.details 
A N N 1 ? 
B N N 2 ? 
C N N 3 ? 
# 
_struct_biol.id        1 
_struct_biol.details   'The second part of the biological assembly is genereated by the a symmetry operation.' 
# 
loop_
_struct_conf.conf_type_id 
_struct_conf.id 
_struct_conf.pdbx_PDB_helix_id 
_struct_conf.beg_label_comp_id 
_struct_conf.beg_label_asym_id 
_struct_conf.beg_label_seq_id 
_struct_conf.pdbx_beg_PDB_ins_code 
_struct_conf.end_label_comp_id 
_struct_conf.end_label_asym_id 
_struct_conf.end_label_seq_id 
_struct_conf.pdbx_end_PDB_ins_code 
_struct_conf.beg_auth_comp_id 
_struct_conf.beg_auth_asym_id 
_struct_conf.beg_auth_seq_id 
_struct_conf.end_auth_comp_id 
_struct_conf.end_auth_asym_id 
_struct_conf.end_auth_seq_id 
_struct_conf.pdbx_PDB_helix_class 
_struct_conf.details 
_struct_conf.pdbx_PDB_helix_length 
HELX_P HELX_P1 1 ASP A 10 ? LYS A 22 ? ASP A 292 LYS A 304 1 ? 13 
HELX_P HELX_P2 2 LYS A 23 ? TYR A 28 ? LYS A 305 TYR A 310 5 ? 6  
HELX_P HELX_P3 3 SER A 55 ? VAL A 66 ? SER A 337 VAL A 348 1 ? 12 
# 
_struct_conf_type.id          HELX_P 
_struct_conf_type.criteria    ? 
_struct_conf_type.reference   ? 
# 
_struct_sheet.id               A 
_struct_sheet.type             ? 
_struct_sheet.number_strands   4 
_struct_sheet.details          ? 
# 
loop_
_struct_sheet_order.sheet_id 
_struct_sheet_order.range_id_1 
_struct_sheet_order.range_id_2 
_struct_sheet_order.offset 
_struct_sheet_order.sense 
A 1 2 ? anti-parallel 
A 2 3 ? anti-parallel 
A 3 4 ? anti-parallel 
# 
loop_
_struct_sheet_range.sheet_id 
_struct_sheet_range.id 
_struct_sheet_range.beg_label_comp_id 
_struct_sheet_range.beg_label_asym_id 
_struct_sheet_range.beg_label_seq_id 
_struct_sheet_range.pdbx_beg_PDB_ins_code 
_struct_sheet_range.end_label_comp_id 
_struct_sheet_range.end_label_asym_id 
_struct_sheet_range.end_label_seq_id 
_struct_sheet_range.pdbx_end_PDB_ins_code 
_struct_sheet_range.beg_auth_comp_id 
_struct_sheet_range.beg_auth_asym_id 
_struct_sheet_range.beg_auth_seq_id 
_struct_sheet_range.end_auth_comp_id 
_struct_sheet_range.end_auth_asym_id 
_struct_sheet_range.end_auth_seq_id 
A 1 ALA A 30 ? VAL A 31 ? ALA A 312 VAL A 313 
A 2 ALA A 47 ? THR A 52 ? ALA A 329 THR A 334 
A 3 THR A 2  ? GLY A 9  ? THR A 284 GLY A 291 
A 4 THR A 73 ? MET A 79 ? THR A 355 MET A 361 
# 
loop_
_pdbx_struct_sheet_hbond.sheet_id 
_pdbx_struct_sheet_hbond.range_id_1 
_pdbx_struct_sheet_hbond.range_id_2 
_pdbx_struct_sheet_hbond.range_1_label_atom_id 
_pdbx_struct_sheet_hbond.range_1_label_comp_id 
_pdbx_struct_sheet_hbond.range_1_label_asym_id 
_pdbx_struct_sheet_hbond.range_1_label_seq_id 
_pdbx_struct_sheet_hbond.range_1_PDB_ins_code 
_pdbx_struct_sheet_hbond.range_1_auth_atom_id 
_pdbx_struct_sheet_hbond.range_1_auth_comp_id 
_pdbx_struct_sheet_hbond.range_1_auth_asym_id 
_pdbx_struct_sheet_hbond.range_1_auth_seq_id 
_pdbx_struct_sheet_hbond.range_2_label_atom_id 
_pdbx_struct_sheet_hbond.range_2_label_comp_id 
_pdbx_struct_sheet_hbond.range_2_label_asym_id 
_pdbx_struct_sheet_hbond.range_2_label_seq_id 
_pdbx_struct_sheet_hbond.range_2_PDB_ins_code 
_pdbx_struct_sheet_hbond.range_2_auth_atom_id 
_pdbx_struct_sheet_hbond.range_2_auth_comp_id 
_pdbx_struct_sheet_hbond.range_2_auth_asym_id 
_pdbx_struct_sheet_hbond.range_2_auth_seq_id 
A 1 2 N ALA A 30 ? N ALA A 312 O THR A 52 ? O THR A 334 
A 2 3 O ALA A 47 ? O ALA A 329 N GLY A 9  ? N GLY A 291 
A 3 4 N ILE A 4  ? N ILE A 286 O GLY A 77 ? O GLY A 359 
# 
_struct_site.id                   AC1 
_struct_site.pdbx_evidence_code   Software 
_struct_site.pdbx_auth_asym_id    A 
_struct_site.pdbx_auth_comp_id    SO4 
_struct_site.pdbx_auth_seq_id     4770 
_struct_site.pdbx_auth_ins_code   ? 
_struct_site.pdbx_num_residues    6 
_struct_site.details              'BINDING SITE FOR RESIDUE SO4 A 4770' 
# 
loop_
_struct_site_gen.id 
_struct_site_gen.site_id 
_struct_site_gen.pdbx_num_res 
_struct_site_gen.label_comp_id 
_struct_site_gen.label_asym_id 
_struct_site_gen.label_seq_id 
_struct_site_gen.pdbx_auth_ins_code 
_struct_site_gen.auth_comp_id 
_struct_site_gen.auth_asym_id 
_struct_site_gen.auth_seq_id 
_struct_site_gen.label_atom_id 
_struct_site_gen.label_alt_id 
_struct_site_gen.symmetry 
_struct_site_gen.details 
1 AC1 6 ARG A 20 ? ARG A 302  . ? 4_555 ? 
2 AC1 6 GLU A 56 ? GLU A 338  . ? 3_544 ? 
3 AC1 6 TRP A 57 ? TRP A 339  . ? 3_544 ? 
4 AC1 6 LYS A 67 ? LYS A 349  . ? 4_555 ? 
5 AC1 6 LYS A 70 ? LYS A 352  . ? 1_555 ? 
6 AC1 6 HOH C .  ? HOH A 4773 . ? 3_544 ? 
# 
_atom_sites.entry_id                    2Q79 
_atom_sites.fract_transf_matrix[1][1]   -0.01844125 
_atom_sites.fract_transf_matrix[1][2]   0.01902639 
_atom_sites.fract_transf_matrix[1][3]   0.00367659 
_atom_sites.fract_transf_matrix[2][1]   -0.02554890 
_atom_sites.fract_transf_matrix[2][2]   -0.00675905 
_atom_sites.fract_transf_matrix[2][3]   0.00414551 
_atom_sites.fract_transf_matrix[3][1]   0.00223402 
_atom_sites.fract_transf_matrix[3][2]   -0.00037658 
_atom_sites.fract_transf_matrix[3][3]   0.01315433 
_atom_sites.fract_transf_vector[1]      -0.268760 
_atom_sites.fract_transf_vector[2]      -0.480842 
_atom_sites.fract_transf_vector[3]      0.165100 
# 
loop_
_atom_type.symbol 
C 
N 
O 
S 
# 
loop_
_atom_site.group_PDB 
_atom_site.id 
_atom_site.type_symbol 
_atom_site.label_atom_id 
_atom_site.label_alt_id 
_atom_site.label_comp_id 
_atom_site.label_asym_id 
_atom_site.label_entity_id 
_atom_site.label_seq_id 
_atom_site.pdbx_PDB_ins_code 
_atom_site.Cartn_x 
_atom_site.Cartn_y 
_atom_site.Cartn_z 
_atom_site.occupancy 
_atom_site.B_iso_or_equiv 
_atom_site.pdbx_formal_charge 
_atom_site.auth_seq_id 
_atom_site.auth_comp_id 
_atom_site.auth_asym_id 
_atom_site.auth_atom_id 
_atom_site.pdbx_PDB_model_num 
ATOM   1   N N   . THR A 1 1  ? 3.616   15.258  6.574   1.00 43.95 ? 283  THR A N   1 
ATOM   2   C CA  . THR A 1 1  ? 3.770   14.679  7.941   1.00 43.27 ? 283  THR A CA  1 
ATOM   3   C C   . THR A 1 1  ? 3.973   13.173  7.844   1.00 41.20 ? 283  THR A C   1 
ATOM   4   O O   . THR A 1 1  ? 5.060   12.664  8.110   1.00 41.77 ? 283  THR A O   1 
ATOM   5   C CB  . THR A 1 1  ? 2.520   14.945  8.813   1.00 44.35 ? 283  THR A CB  1 
ATOM   6   O OG1 . THR A 1 1  ? 2.250   16.351  8.852   1.00 46.80 ? 283  THR A OG1 1 
ATOM   7   C CG2 . THR A 1 1  ? 2.742   14.439  10.235  1.00 45.00 ? 283  THR A CG2 1 
ATOM   8   N N   . THR A 1 2  ? 2.917   12.467  7.456   1.00 38.11 ? 284  THR A N   1 
ATOM   9   C CA  . THR A 1 2  ? 2.978   11.018  7.325   1.00 35.10 ? 284  THR A CA  1 
ATOM   10  C C   . THR A 1 2  ? 2.956   10.591  5.855   1.00 31.21 ? 284  THR A C   1 
ATOM   11  O O   . THR A 1 2  ? 2.062   10.968  5.092   1.00 28.18 ? 284  THR A O   1 
ATOM   12  C CB  . THR A 1 2  ? 1.805   10.351  8.092   1.00 36.85 ? 284  THR A CB  1 
ATOM   13  O OG1 . THR A 1 2  ? 1.765   8.948   7.802   1.00 38.35 ? 284  THR A OG1 1 
ATOM   14  C CG2 . THR A 1 2  ? 0.480   10.992  7.706   1.00 40.28 ? 284  THR A CG2 1 
ATOM   15  N N   . PRO A 1 3  ? 3.966   9.817   5.429   1.00 28.11 ? 285  PRO A N   1 
ATOM   16  C CA  . PRO A 1 3  ? 4.002   9.371   4.033   1.00 24.84 ? 285  PRO A CA  1 
ATOM   17  C C   . PRO A 1 3  ? 2.939   8.298   3.822   1.00 22.76 ? 285  PRO A C   1 
ATOM   18  O O   . PRO A 1 3  ? 2.772   7.414   4.663   1.00 20.83 ? 285  PRO A O   1 
ATOM   19  C CB  . PRO A 1 3  ? 5.417   8.797   3.879   1.00 25.98 ? 285  PRO A CB  1 
ATOM   20  C CG  . PRO A 1 3  ? 6.199   9.443   5.002   1.00 26.09 ? 285  PRO A CG  1 
ATOM   21  C CD  . PRO A 1 3  ? 5.211   9.455   6.129   1.00 27.33 ? 285  PRO A CD  1 
ATOM   22  N N   . ILE A 1 4  ? 2.211   8.374   2.717   1.00 22.42 ? 286  ILE A N   1 
ATOM   23  C CA  . ILE A 1 4  ? 1.205   7.358   2.444   1.00 22.05 ? 286  ILE A CA  1 
ATOM   24  C C   . ILE A 1 4  ? 1.352   6.833   1.029   1.00 22.00 ? 286  ILE A C   1 
ATOM   25  O O   . ILE A 1 4  ? 1.996   7.448   0.177   1.00 23.05 ? 286  ILE A O   1 
ATOM   26  C CB  . ILE A 1 4  ? -0.247  7.886   2.606   1.00 24.08 ? 286  ILE A CB  1 
ATOM   27  C CG1 . ILE A 1 4  ? -0.526  8.993   1.589   1.00 23.51 ? 286  ILE A CG1 1 
ATOM   28  C CG2 . ILE A 1 4  ? -0.470  8.373   4.027   1.00 23.65 ? 286  ILE A CG2 1 
ATOM   29  C CD1 . ILE A 1 4  ? -2.006  9.342   1.463   1.00 24.50 ? 286  ILE A CD1 1 
ATOM   30  N N   . VAL A 1 5  ? 0.753   5.676   0.793   1.00 20.51 ? 287  VAL A N   1 
ATOM   31  C CA  . VAL A 1 5  ? 0.771   5.068   -0.525  1.00 19.62 ? 287  VAL A CA  1 
ATOM   32  C C   . VAL A 1 5  ? -0.631  4.565   -0.819  1.00 18.85 ? 287  VAL A C   1 
ATOM   33  O O   . VAL A 1 5  ? -1.352  4.143   0.086   1.00 18.76 ? 287  VAL A O   1 
ATOM   34  C CB  . VAL A 1 5  ? 1.742   3.868   -0.585  1.00 20.11 ? 287  VAL A CB  1 
ATOM   35  C CG1 . VAL A 1 5  ? 1.465   3.022   -1.839  1.00 19.61 ? 287  VAL A CG1 1 
ATOM   36  C CG2 . VAL A 1 5  ? 3.179   4.364   -0.586  1.00 20.61 ? 287  VAL A CG2 1 
ATOM   37  N N   . HIS A 1 6  ? -1.017  4.654   -2.086  1.00 18.88 ? 288  HIS A N   1 
ATOM   38  C CA  . HIS A 1 6  ? -2.301  4.147   -2.541  1.00 19.69 ? 288  HIS A CA  1 
ATOM   39  C C   . HIS A 1 6  ? -1.953  3.062   -3.553  1.00 18.73 ? 288  HIS A C   1 
ATOM   40  O O   . HIS A 1 6  ? -1.141  3.290   -4.453  1.00 19.47 ? 288  HIS A O   1 
ATOM   41  C CB  . HIS A 1 6  ? -3.130  5.225   -3.254  1.00 21.62 ? 288  HIS A CB  1 
ATOM   42  C CG  . HIS A 1 6  ? -3.925  6.098   -2.332  1.00 24.15 ? 288  HIS A CG  1 
ATOM   43  N ND1 . HIS A 1 6  ? -4.827  7.034   -2.791  1.00 27.56 ? 288  HIS A ND1 1 
ATOM   44  C CD2 . HIS A 1 6  ? -3.950  6.184   -0.982  1.00 25.72 ? 288  HIS A CD2 1 
ATOM   45  C CE1 . HIS A 1 6  ? -5.372  7.660   -1.763  1.00 23.46 ? 288  HIS A CE1 1 
ATOM   46  N NE2 . HIS A 1 6  ? -4.856  7.163   -0.654  1.00 25.05 ? 288  HIS A NE2 1 
ATOM   47  N N   . LEU A 1 7  ? -2.539  1.881   -3.385  1.00 18.02 ? 289  LEU A N   1 
ATOM   48  C CA  . LEU A 1 7  ? -2.337  0.780   -4.321  1.00 18.46 ? 289  LEU A CA  1 
ATOM   49  C C   . LEU A 1 7  ? -3.697  0.631   -4.979  1.00 19.27 ? 289  LEU A C   1 
ATOM   50  O O   . LEU A 1 7  ? -4.691  0.363   -4.308  1.00 18.69 ? 289  LEU A O   1 
ATOM   51  C CB  . LEU A 1 7  ? -1.956  -0.513  -3.591  1.00 16.94 ? 289  LEU A CB  1 
ATOM   52  C CG  . LEU A 1 7  ? -0.668  -0.439  -2.759  1.00 16.62 ? 289  LEU A CG  1 
ATOM   53  C CD1 . LEU A 1 7  ? -0.410  -1.795  -2.097  1.00 15.48 ? 289  LEU A CD1 1 
ATOM   54  C CD2 . LEU A 1 7  ? 0.505   -0.036  -3.651  1.00 18.21 ? 289  LEU A CD2 1 
ATOM   55  N N   . LYS A 1 8  ? -3.743  0.815   -6.292  1.00 19.70 ? 290  LYS A N   1 
ATOM   56  C CA  . LYS A 1 8  ? -5.006  0.751   -7.007  1.00 22.44 ? 290  LYS A CA  1 
ATOM   57  C C   . LYS A 1 8  ? -5.087  -0.375  -8.033  1.00 20.57 ? 290  LYS A C   1 
ATOM   58  O O   . LYS A 1 8  ? -4.178  -0.564  -8.843  1.00 20.64 ? 290  LYS A O   1 
ATOM   59  C CB  . LYS A 1 8  ? -5.261  2.094   -7.698  1.00 26.03 ? 290  LYS A CB  1 
ATOM   60  C CG  . LYS A 1 8  ? -6.598  2.192   -8.407  1.00 31.24 ? 290  LYS A CG  1 
ATOM   61  C CD  . LYS A 1 8  ? -6.677  3.445   -9.268  1.00 34.71 ? 290  LYS A CD  1 
ATOM   62  C CE  . LYS A 1 8  ? -5.657  3.396   -10.403 1.00 38.79 ? 290  LYS A CE  1 
ATOM   63  N NZ  . LYS A 1 8  ? -5.761  4.582   -11.302 1.00 42.57 ? 290  LYS A NZ  1 
ATOM   64  N N   . GLY A 1 9  ? -6.190  -1.111  -7.996  1.00 19.95 ? 291  GLY A N   1 
ATOM   65  C CA  . GLY A 1 9  ? -6.374  -2.198  -8.935  1.00 18.42 ? 291  GLY A CA  1 
ATOM   66  C C   . GLY A 1 9  ? -7.457  -3.190  -8.558  1.00 19.28 ? 291  GLY A C   1 
ATOM   67  O O   . GLY A 1 9  ? -8.446  -2.851  -7.912  1.00 20.80 ? 291  GLY A O   1 
ATOM   68  N N   . ASP A 1 10 ? -7.250  -4.428  -8.989  1.00 18.37 ? 292  ASP A N   1 
ATOM   69  C CA  . ASP A 1 10 ? -8.152  -5.546  -8.741  1.00 20.44 ? 292  ASP A CA  1 
ATOM   70  C C   . ASP A 1 10 ? -8.265  -5.824  -7.234  1.00 19.08 ? 292  ASP A C   1 
ATOM   71  O O   . ASP A 1 10 ? -7.255  -6.011  -6.561  1.00 19.25 ? 292  ASP A O   1 
ATOM   72  C CB  . ASP A 1 10 ? -7.591  -6.777  -9.463  1.00 22.55 ? 292  ASP A CB  1 
ATOM   73  C CG  . ASP A 1 10 ? -8.474  -7.988  -9.336  1.00 26.17 ? 292  ASP A CG  1 
ATOM   74  O OD1 . ASP A 1 10 ? -8.790  -8.383  -8.200  1.00 28.05 ? 292  ASP A OD1 1 
ATOM   75  O OD2 . ASP A 1 10 ? -8.841  -8.561  -10.381 1.00 28.45 ? 292  ASP A OD2 1 
ATOM   76  N N   . ALA A 1 11 ? -9.489  -5.862  -6.717  1.00 20.20 ? 293  ALA A N   1 
ATOM   77  C CA  . ALA A 1 11 ? -9.708  -6.118  -5.292  1.00 20.46 ? 293  ALA A CA  1 
ATOM   78  C C   . ALA A 1 11 ? -9.058  -7.432  -4.844  1.00 20.19 ? 293  ALA A C   1 
ATOM   79  O O   . ALA A 1 11 ? -8.490  -7.520  -3.743  1.00 17.86 ? 293  ALA A O   1 
ATOM   80  C CB  . ALA A 1 11 ? -11.200 -6.147  -4.999  1.00 20.39 ? 293  ALA A CB  1 
ATOM   81  N N   . ASN A 1 12 ? -9.141  -8.451  -5.694  1.00 17.99 ? 294  ASN A N   1 
ATOM   82  C CA  . ASN A 1 12 ? -8.552  -9.747  -5.381  1.00 20.82 ? 294  ASN A CA  1 
ATOM   83  C C   . ASN A 1 12 ? -7.041  -9.653  -5.300  1.00 19.63 ? 294  ASN A C   1 
ATOM   84  O O   . ASN A 1 12 ? -6.411  -10.279 -4.440  1.00 18.26 ? 294  ASN A O   1 
ATOM   85  C CB  . ASN A 1 12 ? -8.949  -10.786 -6.429  1.00 23.77 ? 294  ASN A CB  1 
ATOM   86  C CG  . ASN A 1 12 ? -10.435 -11.060 -6.430  1.00 28.51 ? 294  ASN A CG  1 
ATOM   87  O OD1 . ASN A 1 12 ? -11.012 -11.399 -5.397  1.00 28.52 ? 294  ASN A OD1 1 
ATOM   88  N ND2 . ASN A 1 12 ? -11.067 -10.911 -7.593  1.00 31.03 ? 294  ASN A ND2 1 
ATOM   89  N N   . THR A 1 13 ? -6.458  -8.873  -6.204  1.00 16.94 ? 295  THR A N   1 
ATOM   90  C CA  . THR A 1 13 ? -5.019  -8.681  -6.221  1.00 17.34 ? 295  THR A CA  1 
ATOM   91  C C   . THR A 1 13 ? -4.604  -7.944  -4.944  1.00 17.30 ? 295  THR A C   1 
ATOM   92  O O   . THR A 1 13 ? -3.608  -8.300  -4.302  1.00 16.29 ? 295  THR A O   1 
ATOM   93  C CB  . THR A 1 13 ? -4.599  -7.867  -7.452  1.00 18.81 ? 295  THR A CB  1 
ATOM   94  O OG1 . THR A 1 13 ? -4.983  -8.581  -8.639  1.00 19.06 ? 295  THR A OG1 1 
ATOM   95  C CG2 . THR A 1 13 ? -3.088  -7.636  -7.454  1.00 19.85 ? 295  THR A CG2 1 
ATOM   96  N N   . LEU A 1 14 ? -5.375  -6.926  -4.576  1.00 16.60 ? 296  LEU A N   1 
ATOM   97  C CA  . LEU A 1 14 ? -5.083  -6.156  -3.368  1.00 17.59 ? 296  LEU A CA  1 
ATOM   98  C C   . LEU A 1 14 ? -5.186  -7.031  -2.120  1.00 18.36 ? 296  LEU A C   1 
ATOM   99  O O   . LEU A 1 14 ? -4.414  -6.864  -1.175  1.00 18.52 ? 296  LEU A O   1 
ATOM   100 C CB  . LEU A 1 14 ? -6.042  -4.959  -3.251  1.00 17.89 ? 296  LEU A CB  1 
ATOM   101 C CG  . LEU A 1 14 ? -5.893  -3.912  -4.357  1.00 17.79 ? 296  LEU A CG  1 
ATOM   102 C CD1 . LEU A 1 14 ? -6.967  -2.838  -4.219  1.00 21.02 ? 296  LEU A CD1 1 
ATOM   103 C CD2 . LEU A 1 14 ? -4.504  -3.301  -4.282  1.00 19.76 ? 296  LEU A CD2 1 
ATOM   104 N N   . LYS A 1 15 ? -6.141  -7.958  -2.115  1.00 18.99 ? 297  LYS A N   1 
ATOM   105 C CA  . LYS A 1 15 ? -6.321  -8.862  -0.981  1.00 20.83 ? 297  LYS A CA  1 
ATOM   106 C C   . LYS A 1 15 ? -5.097  -9.762  -0.841  1.00 19.63 ? 297  LYS A C   1 
ATOM   107 O O   . LYS A 1 15 ? -4.634  -10.038 0.270   1.00 20.51 ? 297  LYS A O   1 
ATOM   108 C CB  . LYS A 1 15 ? -7.573  -9.720  -1.174  1.00 22.17 ? 297  LYS A CB  1 
ATOM   109 C CG  . LYS A 1 15 ? -7.929  -10.561 0.045   1.00 27.65 ? 297  LYS A CG  1 
ATOM   110 C CD  . LYS A 1 15 ? -9.291  -11.223 -0.110  1.00 31.00 ? 297  LYS A CD  1 
ATOM   111 C CE  . LYS A 1 15 ? -9.685  -11.966 1.164   1.00 34.04 ? 297  LYS A CE  1 
ATOM   112 N NZ  . LYS A 1 15 ? -11.015 -12.623 1.027   1.00 38.32 ? 297  LYS A NZ  1 
ATOM   113 N N   . CYS A 1 16 ? -4.576  -10.226 -1.973  1.00 18.90 ? 298  CYS A N   1 
ATOM   114 C CA  . CYS A 1 16 ? -3.390  -11.073 -1.968  1.00 18.65 ? 298  CYS A CA  1 
ATOM   115 C C   . CYS A 1 16 ? -2.195  -10.264 -1.443  1.00 17.70 ? 298  CYS A C   1 
ATOM   116 O O   . CYS A 1 16 ? -1.382  -10.758 -0.654  1.00 17.82 ? 298  CYS A O   1 
ATOM   117 C CB  . CYS A 1 16 ? -3.096  -11.578 -3.390  1.00 19.44 ? 298  CYS A CB  1 
ATOM   118 S SG  . CYS A 1 16 ? -1.657  -12.677 -3.509  1.00 20.49 ? 298  CYS A SG  1 
ATOM   119 N N   . LEU A 1 17 ? -2.084  -9.015  -1.882  1.00 16.53 ? 299  LEU A N   1 
ATOM   120 C CA  . LEU A 1 17 ? -0.981  -8.169  -1.432  1.00 17.11 ? 299  LEU A CA  1 
ATOM   121 C C   . LEU A 1 17 ? -1.020  -7.935  0.078   1.00 18.03 ? 299  LEU A C   1 
ATOM   122 O O   . LEU A 1 17 ? 0.014   -7.984  0.746   1.00 19.40 ? 299  LEU A O   1 
ATOM   123 C CB  . LEU A 1 17 ? -1.013  -6.820  -2.156  1.00 16.41 ? 299  LEU A CB  1 
ATOM   124 C CG  . LEU A 1 17 ? -0.598  -6.900  -3.629  1.00 15.19 ? 299  LEU A CG  1 
ATOM   125 C CD1 . LEU A 1 17 ? -0.726  -5.513  -4.264  1.00 16.68 ? 299  LEU A CD1 1 
ATOM   126 C CD2 . LEU A 1 17 ? 0.843   -7.410  -3.731  1.00 16.97 ? 299  LEU A CD2 1 
ATOM   127 N N   . ARG A 1 18 ? -2.209  -7.667  0.613   1.00 19.09 ? 300  ARG A N   1 
ATOM   128 C CA  . ARG A 1 18 ? -2.337  -7.421  2.048   1.00 20.41 ? 300  ARG A CA  1 
ATOM   129 C C   . ARG A 1 18 ? -1.884  -8.674  2.798   1.00 19.73 ? 300  ARG A C   1 
ATOM   130 O O   . ARG A 1 18 ? -1.248  -8.591  3.856   1.00 19.09 ? 300  ARG A O   1 
ATOM   131 C CB  . ARG A 1 18 ? -3.786  -7.059  2.386   1.00 23.07 ? 300  ARG A CB  1 
ATOM   132 C CG  . ARG A 1 18 ? -3.979  -6.318  3.707   1.00 24.50 ? 300  ARG A CG  1 
ATOM   133 C CD  . ARG A 1 18 ? -5.273  -5.500  3.655   1.00 23.46 ? 300  ARG A CD  1 
ATOM   134 N NE  . ARG A 1 18 ? -6.381  -6.315  3.177   1.00 21.53 ? 300  ARG A NE  1 
ATOM   135 C CZ  . ARG A 1 18 ? -7.393  -5.861  2.450   1.00 24.72 ? 300  ARG A CZ  1 
ATOM   136 N NH1 . ARG A 1 18 ? -7.453  -4.576  2.113   1.00 22.47 ? 300  ARG A NH1 1 
ATOM   137 N NH2 . ARG A 1 18 ? -8.334  -6.705  2.028   1.00 25.45 ? 300  ARG A NH2 1 
ATOM   138 N N   . TYR A 1 19 ? -2.206  -9.835  2.239   1.00 19.01 ? 301  TYR A N   1 
ATOM   139 C CA  . TYR A 1 19 ? -1.808  -11.110 2.826   1.00 21.68 ? 301  TYR A CA  1 
ATOM   140 C C   . TYR A 1 19 ? -0.285  -11.207 2.811   1.00 21.96 ? 301  TYR A C   1 
ATOM   141 O O   . TYR A 1 19 ? 0.344   -11.542 3.820   1.00 22.22 ? 301  TYR A O   1 
ATOM   142 C CB  . TYR A 1 19 ? -2.403  -12.269 2.020   1.00 21.35 ? 301  TYR A CB  1 
ATOM   143 C CG  . TYR A 1 19 ? -1.777  -13.612 2.319   1.00 23.17 ? 301  TYR A CG  1 
ATOM   144 C CD1 . TYR A 1 19 ? -2.098  -14.318 3.483   1.00 26.78 ? 301  TYR A CD1 1 
ATOM   145 C CD2 . TYR A 1 19 ? -0.833  -14.164 1.455   1.00 25.50 ? 301  TYR A CD2 1 
ATOM   146 C CE1 . TYR A 1 19 ? -1.485  -15.547 3.774   1.00 27.69 ? 301  TYR A CE1 1 
ATOM   147 C CE2 . TYR A 1 19 ? -0.217  -15.386 1.737   1.00 26.74 ? 301  TYR A CE2 1 
ATOM   148 C CZ  . TYR A 1 19 ? -0.546  -16.069 2.897   1.00 27.99 ? 301  TYR A CZ  1 
ATOM   149 O OH  . TYR A 1 19 ? 0.079   -17.263 3.175   1.00 29.60 ? 301  TYR A OH  1 
ATOM   150 N N   . ARG A 1 20 ? 0.306   -10.911 1.658   1.00 22.50 ? 302  ARG A N   1 
ATOM   151 C CA  . ARG A 1 20 ? 1.755   -10.958 1.504   1.00 23.58 ? 302  ARG A CA  1 
ATOM   152 C C   . ARG A 1 20 ? 2.462   -9.899  2.357   1.00 25.78 ? 302  ARG A C   1 
ATOM   153 O O   . ARG A 1 20 ? 3.563   -10.142 2.855   1.00 26.36 ? 302  ARG A O   1 
ATOM   154 C CB  . ARG A 1 20 ? 2.130   -10.780 0.026   1.00 25.21 ? 302  ARG A CB  1 
ATOM   155 C CG  . ARG A 1 20 ? 1.857   -12.018 -0.829  1.00 25.77 ? 302  ARG A CG  1 
ATOM   156 C CD  . ARG A 1 20 ? 1.504   -11.662 -2.278  1.00 29.34 ? 302  ARG A CD  1 
ATOM   157 N NE  . ARG A 1 20 ? 2.613   -11.099 -3.054  1.00 31.35 ? 302  ARG A NE  1 
ATOM   158 C CZ  . ARG A 1 20 ? 3.462   -11.810 -3.799  1.00 30.32 ? 302  ARG A CZ  1 
ATOM   159 N NH1 . ARG A 1 20 ? 3.356   -13.130 -3.879  1.00 30.65 ? 302  ARG A NH1 1 
ATOM   160 N NH2 . ARG A 1 20 ? 4.401   -11.188 -4.495  1.00 29.76 ? 302  ARG A NH2 1 
ATOM   161 N N   . PHE A 1 21 ? 1.831   -8.740  2.532   1.00 24.63 ? 303  PHE A N   1 
ATOM   162 C CA  . PHE A 1 21 ? 2.420   -7.659  3.326   1.00 27.68 ? 303  PHE A CA  1 
ATOM   163 C C   . PHE A 1 21 ? 2.593   -8.045  4.792   1.00 30.58 ? 303  PHE A C   1 
ATOM   164 O O   . PHE A 1 21 ? 3.447   -7.496  5.487   1.00 31.92 ? 303  PHE A O   1 
ATOM   165 C CB  . PHE A 1 21 ? 1.567   -6.381  3.249   1.00 24.92 ? 303  PHE A CB  1 
ATOM   166 C CG  . PHE A 1 21 ? 1.522   -5.752  1.882   1.00 23.97 ? 303  PHE A CG  1 
ATOM   167 C CD1 . PHE A 1 21 ? 2.443   -6.108  0.899   1.00 25.74 ? 303  PHE A CD1 1 
ATOM   168 C CD2 . PHE A 1 21 ? 0.557   -4.794  1.580   1.00 23.65 ? 303  PHE A CD2 1 
ATOM   169 C CE1 . PHE A 1 21 ? 2.405   -5.519  -0.367  1.00 26.17 ? 303  PHE A CE1 1 
ATOM   170 C CE2 . PHE A 1 21 ? 0.510   -4.200  0.320   1.00 23.29 ? 303  PHE A CE2 1 
ATOM   171 C CZ  . PHE A 1 21 ? 1.435   -4.563  -0.656  1.00 25.18 ? 303  PHE A CZ  1 
ATOM   172 N N   . LYS A 1 22 ? 1.777   -8.980  5.265   1.00 34.72 ? 304  LYS A N   1 
ATOM   173 C CA  . LYS A 1 22 ? 1.870   -9.426  6.654   1.00 39.87 ? 304  LYS A CA  1 
ATOM   174 C C   . LYS A 1 22 ? 3.240   -10.041 6.935   1.00 42.20 ? 304  LYS A C   1 
ATOM   175 O O   . LYS A 1 22 ? 3.631   -10.197 8.092   1.00 44.31 ? 304  LYS A O   1 
ATOM   176 C CB  . LYS A 1 22 ? 0.779   -10.456 6.960   1.00 40.38 ? 304  LYS A CB  1 
ATOM   177 C CG  . LYS A 1 22 ? -0.635  -10.005 6.614   1.00 42.15 ? 304  LYS A CG  1 
ATOM   178 C CD  . LYS A 1 22 ? -1.039  -8.737  7.352   1.00 43.70 ? 304  LYS A CD  1 
ATOM   179 C CE  . LYS A 1 22 ? -2.481  -8.353  7.027   1.00 45.56 ? 304  LYS A CE  1 
ATOM   180 N NZ  . LYS A 1 22 ? -2.940  -7.135  7.756   1.00 45.91 ? 304  LYS A NZ  1 
ATOM   181 N N   . LYS A 1 23 ? 3.967   -10.385 5.876   1.00 44.57 ? 305  LYS A N   1 
ATOM   182 C CA  . LYS A 1 23 ? 5.294   -10.980 6.012   1.00 46.23 ? 305  LYS A CA  1 
ATOM   183 C C   . LYS A 1 23 ? 6.343   -9.898  6.270   1.00 45.97 ? 305  LYS A C   1 
ATOM   184 O O   . LYS A 1 23 ? 7.490   -10.193 6.610   1.00 45.68 ? 305  LYS A O   1 
ATOM   185 C CB  . LYS A 1 23 ? 5.652   -11.763 4.745   1.00 48.47 ? 305  LYS A CB  1 
ATOM   186 C CG  . LYS A 1 23 ? 4.530   -12.669 4.246   1.00 51.43 ? 305  LYS A CG  1 
ATOM   187 C CD  . LYS A 1 23 ? 4.035   -13.607 5.339   1.00 53.05 ? 305  LYS A CD  1 
ATOM   188 C CE  . LYS A 1 23 ? 2.768   -14.335 4.915   1.00 53.71 ? 305  LYS A CE  1 
ATOM   189 N NZ  . LYS A 1 23 ? 2.969   -15.145 3.680   1.00 54.62 ? 305  LYS A NZ  1 
ATOM   190 N N   . HIS A 1 24 ? 5.935   -8.646  6.096   1.00 45.14 ? 306  HIS A N   1 
ATOM   191 C CA  . HIS A 1 24 ? 6.811   -7.499  6.316   1.00 44.62 ? 306  HIS A CA  1 
ATOM   192 C C   . HIS A 1 24 ? 6.035   -6.462  7.122   1.00 41.93 ? 306  HIS A C   1 
ATOM   193 O O   . HIS A 1 24 ? 6.060   -5.271  6.812   1.00 40.89 ? 306  HIS A O   1 
ATOM   194 C CB  . HIS A 1 24 ? 7.245   -6.888  4.979   1.00 47.99 ? 306  HIS A CB  1 
ATOM   195 C CG  . HIS A 1 24 ? 7.982   -7.838  4.086   1.00 51.51 ? 306  HIS A CG  1 
ATOM   196 N ND1 . HIS A 1 24 ? 7.396   -8.967  3.555   1.00 53.48 ? 306  HIS A ND1 1 
ATOM   197 C CD2 . HIS A 1 24 ? 9.254   -7.822  3.623   1.00 53.21 ? 306  HIS A CD2 1 
ATOM   198 C CE1 . HIS A 1 24 ? 8.276   -9.603  2.801   1.00 54.08 ? 306  HIS A CE1 1 
ATOM   199 N NE2 . HIS A 1 24 ? 9.411   -8.929  2.826   1.00 53.63 ? 306  HIS A NE2 1 
ATOM   200 N N   . CYS A 1 25 ? 5.346   -6.930  8.157   1.00 39.80 ? 307  CYS A N   1 
ATOM   201 C CA  . CYS A 1 25 ? 4.534   -6.070  9.013   1.00 39.74 ? 307  CYS A CA  1 
ATOM   202 C C   . CYS A 1 25 ? 5.279   -4.898  9.658   1.00 36.52 ? 307  CYS A C   1 
ATOM   203 O O   . CYS A 1 25 ? 4.658   -3.910  10.056  1.00 34.45 ? 307  CYS A O   1 
ATOM   204 C CB  . CYS A 1 25 ? 3.862   -6.914  10.098  1.00 42.26 ? 307  CYS A CB  1 
ATOM   205 S SG  . CYS A 1 25 ? 5.001   -8.010  10.973  1.00 51.20 ? 307  CYS A SG  1 
ATOM   206 N N   . THR A 1 26 ? 6.601   -4.998  9.762   1.00 34.66 ? 308  THR A N   1 
ATOM   207 C CA  . THR A 1 26 ? 7.378   -3.913  10.360  1.00 32.24 ? 308  THR A CA  1 
ATOM   208 C C   . THR A 1 26 ? 7.764   -2.846  9.334   1.00 30.86 ? 308  THR A C   1 
ATOM   209 O O   . THR A 1 26 ? 8.343   -1.819  9.689   1.00 30.69 ? 308  THR A O   1 
ATOM   210 C CB  . THR A 1 26 ? 8.669   -4.441  11.031  1.00 32.76 ? 308  THR A CB  1 
ATOM   211 O OG1 . THR A 1 26 ? 9.502   -5.066  10.050  1.00 30.95 ? 308  THR A OG1 1 
ATOM   212 C CG2 . THR A 1 26 ? 8.330   -5.448  12.119  1.00 32.45 ? 308  THR A CG2 1 
ATOM   213 N N   . LEU A 1 27 ? 7.429   -3.084  8.068   1.00 27.63 ? 309  LEU A N   1 
ATOM   214 C CA  . LEU A 1 27 ? 7.761   -2.142  7.001   1.00 25.73 ? 309  LEU A CA  1 
ATOM   215 C C   . LEU A 1 27 ? 6.677   -1.104  6.727   1.00 23.55 ? 309  LEU A C   1 
ATOM   216 O O   . LEU A 1 27 ? 6.764   -0.339  5.766   1.00 20.34 ? 309  LEU A O   1 
ATOM   217 C CB  . LEU A 1 27 ? 8.090   -2.899  5.712   1.00 27.70 ? 309  LEU A CB  1 
ATOM   218 C CG  . LEU A 1 27 ? 9.315   -3.820  5.745   1.00 29.07 ? 309  LEU A CG  1 
ATOM   219 C CD1 . LEU A 1 27 ? 9.582   -4.348  4.342   1.00 31.33 ? 309  LEU A CD1 1 
ATOM   220 C CD2 . LEU A 1 27 ? 10.529  -3.065  6.252   1.00 31.88 ? 309  LEU A CD2 1 
ATOM   221 N N   . TYR A 1 28 ? 5.645   -1.086  7.559   1.00 23.02 ? 310  TYR A N   1 
ATOM   222 C CA  . TYR A 1 28 ? 4.581   -0.104  7.408   1.00 24.21 ? 310  TYR A CA  1 
ATOM   223 C C   . TYR A 1 28 ? 3.858   0.086   8.731   1.00 25.46 ? 310  TYR A C   1 
ATOM   224 O O   . TYR A 1 28 ? 3.892   -0.788  9.599   1.00 26.58 ? 310  TYR A O   1 
ATOM   225 C CB  . TYR A 1 28 ? 3.579   -0.521  6.320   1.00 24.09 ? 310  TYR A CB  1 
ATOM   226 C CG  . TYR A 1 28 ? 2.857   -1.825  6.584   1.00 22.18 ? 310  TYR A CG  1 
ATOM   227 C CD1 . TYR A 1 28 ? 3.433   -3.047  6.239   1.00 24.07 ? 310  TYR A CD1 1 
ATOM   228 C CD2 . TYR A 1 28 ? 1.599   -1.837  7.190   1.00 23.77 ? 310  TYR A CD2 1 
ATOM   229 C CE1 . TYR A 1 28 ? 2.778   -4.250  6.486   1.00 23.81 ? 310  TYR A CE1 1 
ATOM   230 C CE2 . TYR A 1 28 ? 0.937   -3.034  7.445   1.00 25.98 ? 310  TYR A CE2 1 
ATOM   231 C CZ  . TYR A 1 28 ? 1.533   -4.237  7.090   1.00 24.84 ? 310  TYR A CZ  1 
ATOM   232 O OH  . TYR A 1 28 ? 0.887   -5.425  7.344   1.00 28.41 ? 310  TYR A OH  1 
ATOM   233 N N   . THR A 1 29 ? 3.215   1.238   8.882   1.00 26.42 ? 311  THR A N   1 
ATOM   234 C CA  . THR A 1 29 ? 2.489   1.544   10.102  1.00 27.29 ? 311  THR A CA  1 
ATOM   235 C C   . THR A 1 29 ? 1.113   0.890   10.062  1.00 27.12 ? 311  THR A C   1 
ATOM   236 O O   . THR A 1 29 ? 0.734   0.172   10.987  1.00 29.02 ? 311  THR A O   1 
ATOM   237 C CB  . THR A 1 29 ? 2.334   3.067   10.286  1.00 27.51 ? 311  THR A CB  1 
ATOM   238 O OG1 . THR A 1 29 ? 3.629   3.673   10.352  1.00 31.20 ? 311  THR A OG1 1 
ATOM   239 C CG2 . THR A 1 29 ? 1.574   3.380   11.569  1.00 29.23 ? 311  THR A CG2 1 
ATOM   240 N N   . ALA A 1 30 ? 0.370   1.129   8.986   1.00 24.81 ? 312  ALA A N   1 
ATOM   241 C CA  . ALA A 1 30 ? -0.961  0.553   8.850   1.00 23.48 ? 312  ALA A CA  1 
ATOM   242 C C   . ALA A 1 30 ? -1.356  0.352   7.390   1.00 22.29 ? 312  ALA A C   1 
ATOM   243 O O   . ALA A 1 30 ? -0.832  1.012   6.496   1.00 21.39 ? 312  ALA A O   1 
ATOM   244 C CB  . ALA A 1 30 ? -1.983  1.449   9.547   1.00 23.58 ? 312  ALA A CB  1 
ATOM   245 N N   . VAL A 1 31 ? -2.271  -0.586  7.160   1.00 22.54 ? 313  VAL A N   1 
ATOM   246 C CA  . VAL A 1 31 ? -2.775  -0.863  5.823   1.00 21.60 ? 313  VAL A CA  1 
ATOM   247 C C   . VAL A 1 31 ? -4.295  -0.894  5.956   1.00 21.96 ? 313  VAL A C   1 
ATOM   248 O O   . VAL A 1 31 ? -4.829  -1.491  6.889   1.00 23.37 ? 313  VAL A O   1 
ATOM   249 C CB  . VAL A 1 31 ? -2.256  -2.219  5.264   1.00 22.90 ? 313  VAL A CB  1 
ATOM   250 C CG1 . VAL A 1 31 ? -2.705  -3.378  6.150   1.00 22.66 ? 313  VAL A CG1 1 
ATOM   251 C CG2 . VAL A 1 31 ? -2.753  -2.403  3.833   1.00 21.99 ? 313  VAL A CG2 1 
ATOM   252 N N   . SER A 1 32 ? -4.988  -0.242  5.033   1.00 20.27 ? 314  SER A N   1 
ATOM   253 C CA  . SER A 1 32 ? -6.447  -0.169  5.093   1.00 21.29 ? 314  SER A CA  1 
ATOM   254 C C   . SER A 1 32 ? -7.191  -1.331  4.477   1.00 20.77 ? 314  SER A C   1 
ATOM   255 O O   . SER A 1 32 ? -6.616  -2.191  3.803   1.00 20.46 ? 314  SER A O   1 
ATOM   256 C CB  . SER A 1 32 ? -6.938  1.094   4.384   1.00 20.51 ? 314  SER A CB  1 
ATOM   257 O OG  . SER A 1 32 ? -6.884  0.914   2.974   1.00 19.75 ? 314  SER A OG  1 
ATOM   258 N N   . SER A 1 33 ? -8.496  -1.334  4.731   1.00 21.42 ? 315  SER A N   1 
ATOM   259 C CA  . SER A 1 33 ? -9.394  -2.306  4.155   1.00 20.97 ? 315  SER A CA  1 
ATOM   260 C C   . SER A 1 33 ? -9.524  -1.780  2.725   1.00 22.02 ? 315  SER A C   1 
ATOM   261 O O   . SER A 1 33 ? -9.135  -0.642  2.444   1.00 20.67 ? 315  SER A O   1 
ATOM   262 C CB  . SER A 1 33 ? -10.744 -2.268  4.873   1.00 22.08 ? 315  SER A CB  1 
ATOM   263 O OG  . SER A 1 33 ? -11.202 -0.934  5.027   1.00 22.95 ? 315  SER A OG  1 
ATOM   264 N N   . THR A 1 34 ? -10.055 -2.592  1.824   1.00 19.93 ? 316  THR A N   1 
ATOM   265 C CA  . THR A 1 34 ? -10.190 -2.183  0.432   1.00 20.58 ? 316  THR A CA  1 
ATOM   266 C C   . THR A 1 34 ? -11.371 -1.245  0.222   1.00 20.06 ? 316  THR A C   1 
ATOM   267 O O   . THR A 1 34 ? -12.503 -1.563  0.586   1.00 20.68 ? 316  THR A O   1 
ATOM   268 C CB  . THR A 1 34 ? -10.353 -3.417  -0.480  1.00 20.39 ? 316  THR A CB  1 
ATOM   269 O OG1 . THR A 1 34 ? -9.238  -4.295  -0.286  1.00 23.55 ? 316  THR A OG1 1 
ATOM   270 C CG2 . THR A 1 34 ? -10.423 -3.006  -1.947  1.00 22.69 ? 316  THR A CG2 1 
ATOM   271 N N   . TRP A 1 35 ? -11.107 -0.079  -0.352  1.00 19.84 ? 317  TRP A N   1 
ATOM   272 C CA  . TRP A 1 35 ? -12.185 0.866   -0.615  1.00 20.17 ? 317  TRP A CA  1 
ATOM   273 C C   . TRP A 1 35 ? -12.252 1.241   -2.087  1.00 21.62 ? 317  TRP A C   1 
ATOM   274 O O   . TRP A 1 35 ? -11.456 0.774   -2.898  1.00 22.10 ? 317  TRP A O   1 
ATOM   275 C CB  . TRP A 1 35 ? -12.039 2.130   0.246   1.00 18.42 ? 317  TRP A CB  1 
ATOM   276 C CG  . TRP A 1 35 ? -10.685 2.785   0.210   1.00 18.40 ? 317  TRP A CG  1 
ATOM   277 C CD1 . TRP A 1 35 ? -9.587  2.441   0.946   1.00 19.73 ? 317  TRP A CD1 1 
ATOM   278 C CD2 . TRP A 1 35 ? -10.298 3.916   -0.580  1.00 18.69 ? 317  TRP A CD2 1 
ATOM   279 N NE1 . TRP A 1 35 ? -8.540  3.293   0.669   1.00 21.52 ? 317  TRP A NE1 1 
ATOM   280 C CE2 . TRP A 1 35 ? -8.949  4.206   -0.266  1.00 19.89 ? 317  TRP A CE2 1 
ATOM   281 C CE3 . TRP A 1 35 ? -10.961 4.718   -1.523  1.00 19.60 ? 317  TRP A CE3 1 
ATOM   282 C CZ2 . TRP A 1 35 ? -8.250  5.263   -0.862  1.00 21.65 ? 317  TRP A CZ2 1 
ATOM   283 C CZ3 . TRP A 1 35 ? -10.267 5.769   -2.116  1.00 21.29 ? 317  TRP A CZ3 1 
ATOM   284 C CH2 . TRP A 1 35 ? -8.923  6.032   -1.781  1.00 22.32 ? 317  TRP A CH2 1 
ATOM   285 N N   . HIS A 1 36 ? -13.218 2.083   -2.431  1.00 22.11 ? 318  HIS A N   1 
ATOM   286 C CA  . HIS A 1 36 ? -13.385 2.510   -3.806  1.00 22.36 ? 318  HIS A CA  1 
ATOM   287 C C   . HIS A 1 36 ? -14.045 3.878   -3.824  1.00 22.82 ? 318  HIS A C   1 
ATOM   288 O O   . HIS A 1 36 ? -14.559 4.338   -2.809  1.00 23.14 ? 318  HIS A O   1 
ATOM   289 C CB  . HIS A 1 36 ? -14.254 1.496   -4.560  1.00 23.97 ? 318  HIS A CB  1 
ATOM   290 C CG  . HIS A 1 36 ? -15.604 1.283   -3.945  1.00 26.39 ? 318  HIS A CG  1 
ATOM   291 N ND1 . HIS A 1 36 ? -16.685 2.094   -4.216  1.00 28.33 ? 318  HIS A ND1 1 
ATOM   292 C CD2 . HIS A 1 36 ? -16.041 0.361   -3.055  1.00 25.36 ? 318  HIS A CD2 1 
ATOM   293 C CE1 . HIS A 1 36 ? -17.731 1.681   -3.520  1.00 24.88 ? 318  HIS A CE1 1 
ATOM   294 N NE2 . HIS A 1 36 ? -17.366 0.632   -2.806  1.00 28.42 ? 318  HIS A NE2 1 
ATOM   295 N N   . TRP A 1 37 ? -14.013 4.529   -4.979  1.00 24.34 ? 319  TRP A N   1 
ATOM   296 C CA  . TRP A 1 37 ? -14.640 5.837   -5.124  1.00 27.66 ? 319  TRP A CA  1 
ATOM   297 C C   . TRP A 1 37 ? -16.139 5.612   -5.293  1.00 30.22 ? 319  TRP A C   1 
ATOM   298 O O   . TRP A 1 37 ? -16.557 4.859   -6.173  1.00 30.66 ? 319  TRP A O   1 
ATOM   299 C CB  . TRP A 1 37 ? -14.069 6.556   -6.342  1.00 26.73 ? 319  TRP A CB  1 
ATOM   300 C CG  . TRP A 1 37 ? -12.618 6.898   -6.197  1.00 26.88 ? 319  TRP A CG  1 
ATOM   301 C CD1 . TRP A 1 37 ? -11.603 6.524   -7.029  1.00 26.20 ? 319  TRP A CD1 1 
ATOM   302 C CD2 . TRP A 1 37 ? -12.021 7.695   -5.166  1.00 26.29 ? 319  TRP A CD2 1 
ATOM   303 N NE1 . TRP A 1 37 ? -10.411 7.042   -6.582  1.00 26.81 ? 319  TRP A NE1 1 
ATOM   304 C CE2 . TRP A 1 37 ? -10.638 7.764   -5.441  1.00 26.29 ? 319  TRP A CE2 1 
ATOM   305 C CE3 . TRP A 1 37 ? -12.521 8.359   -4.036  1.00 27.13 ? 319  TRP A CE3 1 
ATOM   306 C CZ2 . TRP A 1 37 ? -9.744  8.473   -4.627  1.00 25.20 ? 319  TRP A CZ2 1 
ATOM   307 C CZ3 . TRP A 1 37 ? -11.634 9.064   -3.227  1.00 24.58 ? 319  TRP A CZ3 1 
ATOM   308 C CH2 . TRP A 1 37 ? -10.260 9.115   -3.529  1.00 25.89 ? 319  TRP A CH2 1 
ATOM   309 N N   . THR A 1 38 ? -16.938 6.254   -4.444  1.00 32.94 ? 320  THR A N   1 
ATOM   310 C CA  . THR A 1 38 ? -18.392 6.106   -4.487  1.00 36.42 ? 320  THR A CA  1 
ATOM   311 C C   . THR A 1 38 ? -19.084 7.218   -3.706  1.00 35.48 ? 320  THR A C   1 
ATOM   312 O O   . THR A 1 38 ? -18.987 8.387   -4.058  1.00 36.29 ? 320  THR A O   1 
ATOM   313 C CB  . THR A 1 38 ? -18.830 4.762   -3.878  1.00 39.84 ? 320  THR A CB  1 
ATOM   314 O OG1 . THR A 1 38 ? -20.239 4.576   -4.075  1.00 45.06 ? 320  THR A OG1 1 
ATOM   315 C CG2 . THR A 1 38 ? -18.520 4.737   -2.383  1.00 42.03 ? 320  THR A CG2 1 
ATOM   316 N N   . LYS A 1 45 ? -15.428 0.341   -11.482 1.00 49.13 ? 327  LYS A N   1 
ATOM   317 C CA  . LYS A 1 45 ? -14.408 1.120   -10.793 1.00 48.47 ? 327  LYS A CA  1 
ATOM   318 C C   . LYS A 1 45 ? -13.385 0.210   -10.120 1.00 46.64 ? 327  LYS A C   1 
ATOM   319 O O   . LYS A 1 45 ? -13.719 -0.881  -9.652  1.00 47.00 ? 327  LYS A O   1 
ATOM   320 C CB  . LYS A 1 45 ? -15.059 2.037   -9.754  1.00 50.28 ? 327  LYS A CB  1 
ATOM   321 C CG  . LYS A 1 45 ? -15.957 1.315   -8.765  1.00 52.90 ? 327  LYS A CG  1 
ATOM   322 C CD  . LYS A 1 45 ? -16.762 2.304   -7.935  1.00 55.24 ? 327  LYS A CD  1 
ATOM   323 C CE  . LYS A 1 45 ? -17.805 1.593   -7.082  1.00 56.90 ? 327  LYS A CE  1 
ATOM   324 N NZ  . LYS A 1 45 ? -18.687 2.551   -6.349  1.00 57.17 ? 327  LYS A NZ  1 
ATOM   325 N N   . SER A 1 46 ? -12.139 0.667   -10.075 1.00 42.90 ? 328  SER A N   1 
ATOM   326 C CA  . SER A 1 46 ? -11.060 -0.100  -9.470  1.00 39.41 ? 328  SER A CA  1 
ATOM   327 C C   . SER A 1 46 ? -11.118 -0.019  -7.943  1.00 35.41 ? 328  SER A C   1 
ATOM   328 O O   . SER A 1 46 ? -11.851 0.798   -7.382  1.00 34.97 ? 328  SER A O   1 
ATOM   329 C CB  . SER A 1 46 ? -9.716  0.432   -9.974  1.00 40.58 ? 328  SER A CB  1 
ATOM   330 O OG  . SER A 1 46 ? -8.663  -0.447  -9.634  1.00 45.29 ? 328  SER A OG  1 
ATOM   331 N N   . ALA A 1 47 ? -10.354 -0.878  -7.275  1.00 30.61 ? 329  ALA A N   1 
ATOM   332 C CA  . ALA A 1 47 ? -10.309 -0.898  -5.817  1.00 26.45 ? 329  ALA A CA  1 
ATOM   333 C C   . ALA A 1 47 ? -9.013  -0.242  -5.352  1.00 23.20 ? 329  ALA A C   1 
ATOM   334 O O   . ALA A 1 47 ? -8.040  -0.176  -6.100  1.00 22.47 ? 329  ALA A O   1 
ATOM   335 C CB  . ALA A 1 47 ? -10.382 -2.333  -5.309  1.00 27.81 ? 329  ALA A CB  1 
ATOM   336 N N   . ILE A 1 48 ? -9.003  0.228   -4.110  1.00 21.21 ? 330  ILE A N   1 
ATOM   337 C CA  . ILE A 1 48 ? -7.837  0.903   -3.562  1.00 21.43 ? 330  ILE A CA  1 
ATOM   338 C C   . ILE A 1 48 ? -7.541  0.510   -2.117  1.00 18.74 ? 330  ILE A C   1 
ATOM   339 O O   . ILE A 1 48 ? -8.450  0.247   -1.335  1.00 19.59 ? 330  ILE A O   1 
ATOM   340 C CB  . ILE A 1 48 ? -8.032  2.444   -3.595  1.00 21.85 ? 330  ILE A CB  1 
ATOM   341 C CG1 . ILE A 1 48 ? -8.385  2.899   -5.013  1.00 22.42 ? 330  ILE A CG1 1 
ATOM   342 C CG2 . ILE A 1 48 ? -6.769  3.140   -3.101  1.00 23.20 ? 330  ILE A CG2 1 
ATOM   343 C CD1 . ILE A 1 48 ? -8.678  4.389   -5.120  1.00 25.69 ? 330  ILE A CD1 1 
ATOM   344 N N   . VAL A 1 49 ? -6.253  0.476   -1.784  1.00 19.37 ? 331  VAL A N   1 
ATOM   345 C CA  . VAL A 1 49 ? -5.792  0.183   -0.435  1.00 17.69 ? 331  VAL A CA  1 
ATOM   346 C C   . VAL A 1 49 ? -4.801  1.289   -0.069  1.00 18.68 ? 331  VAL A C   1 
ATOM   347 O O   . VAL A 1 49 ? -3.959  1.678   -0.887  1.00 19.71 ? 331  VAL A O   1 
ATOM   348 C CB  . VAL A 1 49 ? -5.089  -1.196  -0.353  1.00 20.02 ? 331  VAL A CB  1 
ATOM   349 C CG1 . VAL A 1 49 ? -4.345  -1.325  0.970   1.00 21.20 ? 331  VAL A CG1 1 
ATOM   350 C CG2 . VAL A 1 49 ? -6.130  -2.311  -0.469  1.00 19.68 ? 331  VAL A CG2 1 
ATOM   351 N N   . THR A 1 50 ? -4.919  1.808   1.147   1.00 17.35 ? 332  THR A N   1 
ATOM   352 C CA  . THR A 1 50 ? -4.029  2.866   1.608   1.00 20.01 ? 332  THR A CA  1 
ATOM   353 C C   . THR A 1 50 ? -3.069  2.315   2.659   1.00 19.20 ? 332  THR A C   1 
ATOM   354 O O   . THR A 1 50 ? -3.465  1.527   3.510   1.00 20.24 ? 332  THR A O   1 
ATOM   355 C CB  . THR A 1 50 ? -4.823  4.024   2.261   1.00 18.64 ? 332  THR A CB  1 
ATOM   356 O OG1 . THR A 1 50 ? -5.814  4.508   1.346   1.00 21.21 ? 332  THR A OG1 1 
ATOM   357 C CG2 . THR A 1 50 ? -3.885  5.163   2.638   1.00 19.22 ? 332  THR A CG2 1 
ATOM   358 N N   . LEU A 1 51 ? -1.805  2.719   2.579   1.00 21.12 ? 333  LEU A N   1 
ATOM   359 C CA  . LEU A 1 51 ? -0.809  2.305   3.561   1.00 20.52 ? 333  LEU A CA  1 
ATOM   360 C C   . LEU A 1 51 ? -0.177  3.561   4.121   1.00 21.60 ? 333  LEU A C   1 
ATOM   361 O O   . LEU A 1 51 ? 0.000   4.546   3.407   1.00 21.37 ? 333  LEU A O   1 
ATOM   362 C CB  . LEU A 1 51 ? 0.288   1.431   2.946   1.00 20.66 ? 333  LEU A CB  1 
ATOM   363 C CG  . LEU A 1 51 ? -0.118  0.018   2.526   1.00 22.73 ? 333  LEU A CG  1 
ATOM   364 C CD1 . LEU A 1 51 ? -0.358  -0.011  1.033   1.00 24.09 ? 333  LEU A CD1 1 
ATOM   365 C CD2 . LEU A 1 51 ? 0.974   -0.966  2.905   1.00 22.50 ? 333  LEU A CD2 1 
ATOM   366 N N   . THR A 1 52 ? 0.148   3.529   5.405   1.00 20.30 ? 334  THR A N   1 
ATOM   367 C CA  . THR A 1 52 ? 0.771   4.672   6.046   1.00 21.22 ? 334  THR A CA  1 
ATOM   368 C C   . THR A 1 52 ? 2.145   4.228   6.557   1.00 20.66 ? 334  THR A C   1 
ATOM   369 O O   . THR A 1 52 ? 2.356   3.044   6.833   1.00 20.07 ? 334  THR A O   1 
ATOM   370 C CB  . THR A 1 52 ? -0.121  5.198   7.199   1.00 23.42 ? 334  THR A CB  1 
ATOM   371 O OG1 . THR A 1 52 ? 0.259   6.541   7.520   1.00 30.90 ? 334  THR A OG1 1 
ATOM   372 C CG2 . THR A 1 52 ? 0.020   4.324   8.430   1.00 20.84 ? 334  THR A CG2 1 
ATOM   373 N N   . TYR A 1 53 ? 3.087   5.164   6.658   1.00 21.33 ? 335  TYR A N   1 
ATOM   374 C CA  . TYR A 1 53 ? 4.429   4.824   7.117   1.00 22.62 ? 335  TYR A CA  1 
ATOM   375 C C   . TYR A 1 53 ? 4.984   5.794   8.154   1.00 24.72 ? 335  TYR A C   1 
ATOM   376 O O   . TYR A 1 53 ? 4.495   6.913   8.307   1.00 25.97 ? 335  TYR A O   1 
ATOM   377 C CB  . TYR A 1 53 ? 5.402   4.760   5.935   1.00 22.65 ? 335  TYR A CB  1 
ATOM   378 C CG  . TYR A 1 53 ? 4.940   3.855   4.819   1.00 20.19 ? 335  TYR A CG  1 
ATOM   379 C CD1 . TYR A 1 53 ? 4.001   4.297   3.888   1.00 20.91 ? 335  TYR A CD1 1 
ATOM   380 C CD2 . TYR A 1 53 ? 5.417   2.548   4.711   1.00 21.99 ? 335  TYR A CD2 1 
ATOM   381 C CE1 . TYR A 1 53 ? 3.543   3.464   2.876   1.00 18.96 ? 335  TYR A CE1 1 
ATOM   382 C CE2 . TYR A 1 53 ? 4.965   1.697   3.698   1.00 21.05 ? 335  TYR A CE2 1 
ATOM   383 C CZ  . TYR A 1 53 ? 4.027   2.164   2.785   1.00 20.68 ? 335  TYR A CZ  1 
ATOM   384 O OH  . TYR A 1 53 ? 3.570   1.342   1.778   1.00 18.75 ? 335  TYR A OH  1 
ATOM   385 N N   . ASP A 1 54 ? 6.030   5.350   8.840   1.00 26.47 ? 336  ASP A N   1 
ATOM   386 C CA  . ASP A 1 54 ? 6.684   6.137   9.879   1.00 28.22 ? 336  ASP A CA  1 
ATOM   387 C C   . ASP A 1 54 ? 7.626   7.195   9.303   1.00 28.76 ? 336  ASP A C   1 
ATOM   388 O O   . ASP A 1 54 ? 7.915   8.205   9.956   1.00 28.63 ? 336  ASP A O   1 
ATOM   389 C CB  . ASP A 1 54 ? 7.465   5.202   10.807  1.00 29.38 ? 336  ASP A CB  1 
ATOM   390 C CG  . ASP A 1 54 ? 8.195   5.949   11.901  1.00 33.40 ? 336  ASP A CG  1 
ATOM   391 O OD1 . ASP A 1 54 ? 7.527   6.702   12.639  1.00 33.33 ? 336  ASP A OD1 1 
ATOM   392 O OD2 . ASP A 1 54 ? 9.432   5.782   12.021  1.00 32.84 ? 336  ASP A OD2 1 
ATOM   393 N N   . SER A 1 55 ? 8.090   6.966   8.076   1.00 26.24 ? 337  SER A N   1 
ATOM   394 C CA  . SER A 1 55 ? 9.020   7.880   7.417   1.00 24.15 ? 337  SER A CA  1 
ATOM   395 C C   . SER A 1 55 ? 9.152   7.535   5.939   1.00 22.57 ? 337  SER A C   1 
ATOM   396 O O   . SER A 1 55 ? 8.724   6.466   5.512   1.00 20.66 ? 337  SER A O   1 
ATOM   397 C CB  . SER A 1 55 ? 10.403  7.752   8.051   1.00 25.99 ? 337  SER A CB  1 
ATOM   398 O OG  . SER A 1 55 ? 10.918  6.449   7.810   1.00 23.23 ? 337  SER A OG  1 
ATOM   399 N N   . GLU A 1 56 ? 9.760   8.436   5.169   1.00 22.71 ? 338  GLU A N   1 
ATOM   400 C CA  . GLU A 1 56 ? 9.979   8.200   3.745   1.00 22.23 ? 338  GLU A CA  1 
ATOM   401 C C   . GLU A 1 56 ? 10.926  7.017   3.573   1.00 20.44 ? 338  GLU A C   1 
ATOM   402 O O   . GLU A 1 56 ? 10.827  6.258   2.611   1.00 16.65 ? 338  GLU A O   1 
ATOM   403 C CB  . GLU A 1 56 ? 10.586  9.433   3.076   1.00 26.99 ? 338  GLU A CB  1 
ATOM   404 C CG  . GLU A 1 56 ? 9.588   10.530  2.750   1.00 32.36 ? 338  GLU A CG  1 
ATOM   405 C CD  . GLU A 1 56 ? 10.251  11.719  2.090   1.00 36.17 ? 338  GLU A CD  1 
ATOM   406 O OE1 . GLU A 1 56 ? 11.044  12.402  2.769   1.00 41.71 ? 338  GLU A OE1 1 
ATOM   407 O OE2 . GLU A 1 56 ? 9.990   11.965  0.895   1.00 38.78 ? 338  GLU A OE2 1 
ATOM   408 N N   . TRP A 1 57 ? 11.856  6.864   4.506   1.00 18.15 ? 339  TRP A N   1 
ATOM   409 C CA  . TRP A 1 57 ? 12.784  5.744   4.423   1.00 17.28 ? 339  TRP A CA  1 
ATOM   410 C C   . TRP A 1 57 ? 12.028  4.425   4.559   1.00 17.14 ? 339  TRP A C   1 
ATOM   411 O O   . TRP A 1 57 ? 12.251  3.495   3.786   1.00 17.06 ? 339  TRP A O   1 
ATOM   412 C CB  . TRP A 1 57 ? 13.852  5.828   5.517   1.00 17.39 ? 339  TRP A CB  1 
ATOM   413 C CG  . TRP A 1 57 ? 14.727  4.625   5.510   1.00 15.65 ? 339  TRP A CG  1 
ATOM   414 C CD1 . TRP A 1 57 ? 14.574  3.492   6.256   1.00 19.05 ? 339  TRP A CD1 1 
ATOM   415 C CD2 . TRP A 1 57 ? 15.825  4.376   4.623   1.00 18.63 ? 339  TRP A CD2 1 
ATOM   416 N NE1 . TRP A 1 57 ? 15.506  2.552   5.888   1.00 18.15 ? 339  TRP A NE1 1 
ATOM   417 C CE2 . TRP A 1 57 ? 16.288  3.067   4.890   1.00 18.68 ? 339  TRP A CE2 1 
ATOM   418 C CE3 . TRP A 1 57 ? 16.459  5.129   3.626   1.00 19.28 ? 339  TRP A CE3 1 
ATOM   419 C CZ2 . TRP A 1 57 ? 17.362  2.492   4.195   1.00 20.37 ? 339  TRP A CZ2 1 
ATOM   420 C CZ3 . TRP A 1 57 ? 17.527  4.559   2.931   1.00 20.35 ? 339  TRP A CZ3 1 
ATOM   421 C CH2 . TRP A 1 57 ? 17.967  3.253   3.223   1.00 21.55 ? 339  TRP A CH2 1 
ATOM   422 N N   . GLN A 1 58 ? 11.137  4.334   5.545   1.00 16.41 ? 340  GLN A N   1 
ATOM   423 C CA  . GLN A 1 58 ? 10.386  3.097   5.734   1.00 17.22 ? 340  GLN A CA  1 
ATOM   424 C C   . GLN A 1 58 ? 9.543   2.795   4.498   1.00 16.51 ? 340  GLN A C   1 
ATOM   425 O O   . GLN A 1 58 ? 9.433   1.638   4.084   1.00 15.14 ? 340  GLN A O   1 
ATOM   426 C CB  . GLN A 1 58 ? 9.472   3.183   6.960   1.00 19.01 ? 340  GLN A CB  1 
ATOM   427 C CG  . GLN A 1 58 ? 8.763   1.860   7.256   1.00 22.24 ? 340  GLN A CG  1 
ATOM   428 C CD  . GLN A 1 58 ? 7.695   1.985   8.326   1.00 24.58 ? 340  GLN A CD  1 
ATOM   429 O OE1 . GLN A 1 58 ? 6.746   2.751   8.179   1.00 24.74 ? 340  GLN A OE1 1 
ATOM   430 N NE2 . GLN A 1 58 ? 7.844   1.228   9.411   1.00 26.72 ? 340  GLN A NE2 1 
ATOM   431 N N   . ARG A 1 59 ? 8.941   3.835   3.925   1.00 16.69 ? 341  ARG A N   1 
ATOM   432 C CA  . ARG A 1 59 ? 8.117   3.673   2.726   1.00 17.08 ? 341  ARG A CA  1 
ATOM   433 C C   . ARG A 1 59 ? 8.954   3.053   1.609   1.00 17.17 ? 341  ARG A C   1 
ATOM   434 O O   . ARG A 1 59 ? 8.503   2.138   0.917   1.00 17.01 ? 341  ARG A O   1 
ATOM   435 C CB  . ARG A 1 59 ? 7.584   5.028   2.255   1.00 19.18 ? 341  ARG A CB  1 
ATOM   436 C CG  . ARG A 1 59 ? 6.796   4.980   0.953   1.00 23.16 ? 341  ARG A CG  1 
ATOM   437 C CD  . ARG A 1 59 ? 6.769   6.366   0.332   1.00 28.42 ? 341  ARG A CD  1 
ATOM   438 N NE  . ARG A 1 59 ? 8.120   6.777   -0.034  1.00 32.53 ? 341  ARG A NE  1 
ATOM   439 C CZ  . ARG A 1 59 ? 8.501   8.034   -0.233  1.00 35.43 ? 341  ARG A CZ  1 
ATOM   440 N NH1 . ARG A 1 59 ? 7.629   9.028   -0.104  1.00 35.72 ? 341  ARG A NH1 1 
ATOM   441 N NH2 . ARG A 1 59 ? 9.759   8.297   -0.557  1.00 37.32 ? 341  ARG A NH2 1 
ATOM   442 N N   . ASP A 1 60 ? 10.172  3.551   1.429   1.00 17.15 ? 342  ASP A N   1 
ATOM   443 C CA  . ASP A 1 60 ? 11.023  3.018   0.378   1.00 17.20 ? 342  ASP A CA  1 
ATOM   444 C C   . ASP A 1 60 ? 11.534  1.621   0.711   1.00 17.37 ? 342  ASP A C   1 
ATOM   445 O O   . ASP A 1 60 ? 11.713  0.793   -0.178  1.00 16.37 ? 342  ASP A O   1 
ATOM   446 C CB  . ASP A 1 60 ? 12.191  3.966   0.087   1.00 16.35 ? 342  ASP A CB  1 
ATOM   447 C CG  . ASP A 1 60 ? 11.747  5.245   -0.604  1.00 19.10 ? 342  ASP A CG  1 
ATOM   448 O OD1 . ASP A 1 60 ? 10.683  5.234   -1.255  1.00 21.27 ? 342  ASP A OD1 1 
ATOM   449 O OD2 . ASP A 1 60 ? 12.463  6.260   -0.512  1.00 20.47 ? 342  ASP A OD2 1 
ATOM   450 N N   . GLN A 1 61 ? 11.761  1.348   1.994   1.00 16.82 ? 343  GLN A N   1 
ATOM   451 C CA  . GLN A 1 61 ? 12.225  0.025   2.382   1.00 19.01 ? 343  GLN A CA  1 
ATOM   452 C C   . GLN A 1 61 ? 11.111  -0.955  2.033   1.00 18.36 ? 343  GLN A C   1 
ATOM   453 O O   . GLN A 1 61 ? 11.357  -2.035  1.503   1.00 17.10 ? 343  GLN A O   1 
ATOM   454 C CB  . GLN A 1 61 ? 12.526  -0.022  3.884   1.00 23.13 ? 343  GLN A CB  1 
ATOM   455 C CG  . GLN A 1 61 ? 13.309  -1.255  4.301   1.00 31.01 ? 343  GLN A CG  1 
ATOM   456 C CD  . GLN A 1 61 ? 13.705  -1.238  5.766   1.00 35.95 ? 343  GLN A CD  1 
ATOM   457 O OE1 . GLN A 1 61 ? 14.283  -2.202  6.274   1.00 40.46 ? 343  GLN A OE1 1 
ATOM   458 N NE2 . GLN A 1 61 ? 13.400  -0.139  6.456   1.00 38.75 ? 343  GLN A NE2 1 
ATOM   459 N N   . PHE A 1 62 ? 9.876   -0.552  2.319   1.00 16.23 ? 344  PHE A N   1 
ATOM   460 C CA  . PHE A 1 62 ? 8.708   -1.369  2.024   1.00 16.63 ? 344  PHE A CA  1 
ATOM   461 C C   . PHE A 1 62 ? 8.615   -1.644  0.518   1.00 16.35 ? 344  PHE A C   1 
ATOM   462 O O   . PHE A 1 62 ? 8.502   -2.792  0.096   1.00 18.38 ? 344  PHE A O   1 
ATOM   463 C CB  . PHE A 1 62 ? 7.448   -0.640  2.481   1.00 17.28 ? 344  PHE A CB  1 
ATOM   464 C CG  . PHE A 1 62 ? 6.173   -1.331  2.100   1.00 19.67 ? 344  PHE A CG  1 
ATOM   465 C CD1 . PHE A 1 62 ? 5.621   -2.310  2.921   1.00 20.69 ? 344  PHE A CD1 1 
ATOM   466 C CD2 . PHE A 1 62 ? 5.521   -1.002  0.914   1.00 19.65 ? 344  PHE A CD2 1 
ATOM   467 C CE1 . PHE A 1 62 ? 4.434   -2.950  2.566   1.00 21.69 ? 344  PHE A CE1 1 
ATOM   468 C CE2 . PHE A 1 62 ? 4.330   -1.640  0.550   1.00 21.25 ? 344  PHE A CE2 1 
ATOM   469 C CZ  . PHE A 1 62 ? 3.790   -2.613  1.380   1.00 21.30 ? 344  PHE A CZ  1 
ATOM   470 N N   . LEU A 1 63 ? 8.665   -0.586  -0.282  1.00 17.90 ? 345  LEU A N   1 
ATOM   471 C CA  . LEU A 1 63 ? 8.566   -0.735  -1.737  1.00 17.77 ? 345  LEU A CA  1 
ATOM   472 C C   . LEU A 1 63 ? 9.727   -1.498  -2.359  1.00 19.03 ? 345  LEU A C   1 
ATOM   473 O O   . LEU A 1 63 ? 9.574   -2.127  -3.409  1.00 20.09 ? 345  LEU A O   1 
ATOM   474 C CB  . LEU A 1 63 ? 8.454   0.635   -2.402  1.00 18.78 ? 345  LEU A CB  1 
ATOM   475 C CG  . LEU A 1 63 ? 7.177   1.415   -2.071  1.00 20.11 ? 345  LEU A CG  1 
ATOM   476 C CD1 . LEU A 1 63 ? 7.311   2.840   -2.601  1.00 19.76 ? 345  LEU A CD1 1 
ATOM   477 C CD2 . LEU A 1 63 ? 5.952   0.707   -2.666  1.00 19.22 ? 345  LEU A CD2 1 
ATOM   478 N N   . SER A 1 64 ? 10.892  -1.441  -1.726  1.00 18.50 ? 346  SER A N   1 
ATOM   479 C CA  . SER A 1 64 ? 12.055  -2.137  -2.263  1.00 19.27 ? 346  SER A CA  1 
ATOM   480 C C   . SER A 1 64 ? 11.978  -3.631  -1.973  1.00 20.25 ? 346  SER A C   1 
ATOM   481 O O   . SER A 1 64 ? 12.601  -4.434  -2.667  1.00 20.39 ? 346  SER A O   1 
ATOM   482 C CB  . SER A 1 64 ? 13.353  -1.569  -1.666  1.00 19.41 ? 346  SER A CB  1 
ATOM   483 O OG  . SER A 1 64 ? 13.566  -2.053  -0.344  1.00 20.81 ? 346  SER A OG  1 
ATOM   484 N N   . GLN A 1 65 ? 11.199  -4.001  -0.959  1.00 19.40 ? 347  GLN A N   1 
ATOM   485 C CA  . GLN A 1 65 ? 11.080  -5.395  -0.559  1.00 22.31 ? 347  GLN A CA  1 
ATOM   486 C C   . GLN A 1 65 ? 9.849   -6.140  -1.056  1.00 23.85 ? 347  GLN A C   1 
ATOM   487 O O   . GLN A 1 65 ? 9.925   -7.331  -1.365  1.00 25.73 ? 347  GLN A O   1 
ATOM   488 C CB  . GLN A 1 65 ? 11.175  -5.501  0.970   1.00 24.10 ? 347  GLN A CB  1 
ATOM   489 C CG  . GLN A 1 65 ? 12.557  -5.130  1.494   1.00 28.33 ? 347  GLN A CG  1 
ATOM   490 C CD  . GLN A 1 65 ? 12.729  -5.400  2.978   1.00 32.26 ? 347  GLN A CD  1 
ATOM   491 O OE1 . GLN A 1 65 ? 12.337  -6.454  3.477   1.00 34.82 ? 347  GLN A OE1 1 
ATOM   492 N NE2 . GLN A 1 65 ? 13.335  -4.455  3.686   1.00 32.43 ? 347  GLN A NE2 1 
ATOM   493 N N   . VAL A 1 66 ? 8.713   -5.461  -1.140  1.00 23.67 ? 348  VAL A N   1 
ATOM   494 C CA  . VAL A 1 66 ? 7.512   -6.133  -1.606  1.00 23.72 ? 348  VAL A CA  1 
ATOM   495 C C   . VAL A 1 66 ? 7.473   -6.127  -3.129  1.00 24.79 ? 348  VAL A C   1 
ATOM   496 O O   . VAL A 1 66 ? 7.930   -5.183  -3.772  1.00 26.71 ? 348  VAL A O   1 
ATOM   497 C CB  . VAL A 1 66 ? 6.230   -5.468  -1.050  1.00 22.85 ? 348  VAL A CB  1 
ATOM   498 C CG1 . VAL A 1 66 ? 6.254   -5.508  0.474   1.00 25.20 ? 348  VAL A CG1 1 
ATOM   499 C CG2 . VAL A 1 66 ? 6.114   -4.039  -1.544  1.00 25.92 ? 348  VAL A CG2 1 
ATOM   500 N N   . LYS A 1 67 ? 6.955   -7.205  -3.698  1.00 25.63 ? 349  LYS A N   1 
ATOM   501 C CA  . LYS A 1 67 ? 6.840   -7.316  -5.145  1.00 27.21 ? 349  LYS A CA  1 
ATOM   502 C C   . LYS A 1 67 ? 5.396   -6.975  -5.497  1.00 25.80 ? 349  LYS A C   1 
ATOM   503 O O   . LYS A 1 67 ? 4.481   -7.732  -5.173  1.00 28.03 ? 349  LYS A O   1 
ATOM   504 C CB  . LYS A 1 67 ? 7.176   -8.742  -5.588  1.00 29.48 ? 349  LYS A CB  1 
ATOM   505 C CG  . LYS A 1 67 ? 8.605   -9.168  -5.265  1.00 35.97 ? 349  LYS A CG  1 
ATOM   506 C CD  . LYS A 1 67 ? 8.865   -10.625 -5.648  1.00 38.48 ? 349  LYS A CD  1 
ATOM   507 C CE  . LYS A 1 67 ? 8.078   -11.595 -4.771  1.00 41.79 ? 349  LYS A CE  1 
ATOM   508 N NZ  . LYS A 1 67 ? 8.480   -11.534 -3.339  1.00 43.46 ? 349  LYS A NZ  1 
ATOM   509 N N   . ILE A 1 68 ? 5.199   -5.822  -6.127  1.00 24.85 ? 350  ILE A N   1 
ATOM   510 C CA  . ILE A 1 68 ? 3.864   -5.373  -6.513  1.00 23.07 ? 350  ILE A CA  1 
ATOM   511 C C   . ILE A 1 68 ? 3.682   -5.556  -8.015  1.00 20.56 ? 350  ILE A C   1 
ATOM   512 O O   . ILE A 1 68 ? 4.476   -5.056  -8.807  1.00 21.77 ? 350  ILE A O   1 
ATOM   513 C CB  . ILE A 1 68 ? 3.655   -3.891  -6.136  1.00 24.93 ? 350  ILE A CB  1 
ATOM   514 C CG1 . ILE A 1 68 ? 3.814   -3.731  -4.617  1.00 25.24 ? 350  ILE A CG1 1 
ATOM   515 C CG2 . ILE A 1 68 ? 2.269   -3.417  -6.574  1.00 23.37 ? 350  ILE A CG2 1 
ATOM   516 C CD1 . ILE A 1 68 ? 3.573   -2.333  -4.110  1.00 26.77 ? 350  ILE A CD1 1 
ATOM   517 N N   . PRO A 1 69 ? 2.633   -6.285  -8.420  1.00 20.60 ? 351  PRO A N   1 
ATOM   518 C CA  . PRO A 1 69 ? 2.352   -6.537  -9.839  1.00 21.88 ? 351  PRO A CA  1 
ATOM   519 C C   . PRO A 1 69 ? 2.251   -5.255  -10.653 1.00 21.72 ? 351  PRO A C   1 
ATOM   520 O O   . PRO A 1 69 ? 1.775   -4.231  -10.164 1.00 20.91 ? 351  PRO A O   1 
ATOM   521 C CB  . PRO A 1 69 ? 1.024   -7.290  -9.800  1.00 21.75 ? 351  PRO A CB  1 
ATOM   522 C CG  . PRO A 1 69 ? 1.074   -7.992  -8.463  1.00 23.15 ? 351  PRO A CG  1 
ATOM   523 C CD  . PRO A 1 69 ? 1.613   -6.918  -7.565  1.00 22.05 ? 351  PRO A CD  1 
ATOM   524 N N   . LYS A 1 70 ? 2.701   -5.324  -11.904 1.00 22.99 ? 352  LYS A N   1 
ATOM   525 C CA  . LYS A 1 70 ? 2.658   -4.189  -12.813 1.00 23.41 ? 352  LYS A CA  1 
ATOM   526 C C   . LYS A 1 70 ? 1.217   -3.739  -13.071 1.00 23.62 ? 352  LYS A C   1 
ATOM   527 O O   . LYS A 1 70 ? 0.978   -2.607  -13.502 1.00 22.79 ? 352  LYS A O   1 
ATOM   528 C CB  . LYS A 1 70 ? 3.327   -4.575  -14.133 1.00 26.73 ? 352  LYS A CB  1 
ATOM   529 C CG  . LYS A 1 70 ? 2.782   -5.875  -14.714 1.00 29.09 ? 352  LYS A CG  1 
ATOM   530 C CD  . LYS A 1 70 ? 3.612   -6.378  -15.893 1.00 32.32 ? 352  LYS A CD  1 
ATOM   531 C CE  . LYS A 1 70 ? 3.071   -7.703  -16.417 1.00 33.70 ? 352  LYS A CE  1 
ATOM   532 N NZ  . LYS A 1 70 ? 3.863   -8.214  -17.571 1.00 34.99 ? 352  LYS A NZ  1 
ATOM   533 N N   . THR A 1 71 ? 0.266   -4.632  -12.804 1.00 22.14 ? 353  THR A N   1 
ATOM   534 C CA  . THR A 1 71 ? -1.155  -4.342  -12.997 1.00 21.14 ? 353  THR A CA  1 
ATOM   535 C C   . THR A 1 71 ? -1.730  -3.527  -11.838 1.00 22.30 ? 353  THR A C   1 
ATOM   536 O O   . THR A 1 71 ? -2.903  -3.139  -11.849 1.00 21.82 ? 353  THR A O   1 
ATOM   537 C CB  . THR A 1 71 ? -1.974  -5.639  -13.139 1.00 22.23 ? 353  THR A CB  1 
ATOM   538 O OG1 . THR A 1 71 ? -1.665  -6.524  -12.053 1.00 20.02 ? 353  THR A OG1 1 
ATOM   539 C CG2 . THR A 1 71 ? -1.652  -6.326  -14.455 1.00 21.07 ? 353  THR A CG2 1 
ATOM   540 N N   . ILE A 1 72 ? -0.905  -3.282  -10.827 1.00 20.00 ? 354  ILE A N   1 
ATOM   541 C CA  . ILE A 1 72 ? -1.338  -2.486  -9.692  1.00 20.11 ? 354  ILE A CA  1 
ATOM   542 C C   . ILE A 1 72 ? -0.632  -1.142  -9.774  1.00 21.35 ? 354  ILE A C   1 
ATOM   543 O O   . ILE A 1 72 ? 0.592   -1.079  -9.904  1.00 22.58 ? 354  ILE A O   1 
ATOM   544 C CB  . ILE A 1 72 ? -0.992  -3.166  -8.337  1.00 19.95 ? 354  ILE A CB  1 
ATOM   545 C CG1 . ILE A 1 72 ? -1.897  -4.389  -8.118  1.00 18.09 ? 354  ILE A CG1 1 
ATOM   546 C CG2 . ILE A 1 72 ? -1.168  -2.164  -7.193  1.00 20.66 ? 354  ILE A CG2 1 
ATOM   547 C CD1 . ILE A 1 72 ? -3.377  -4.054  -7.926  1.00 21.04 ? 354  ILE A CD1 1 
ATOM   548 N N   . THR A 1 73 ? -1.413  -0.068  -9.721  1.00 21.71 ? 355  THR A N   1 
ATOM   549 C CA  . THR A 1 73 ? -0.850  1.271   -9.773  1.00 23.79 ? 355  THR A CA  1 
ATOM   550 C C   . THR A 1 73 ? -0.444  1.711   -8.370  1.00 24.34 ? 355  THR A C   1 
ATOM   551 O O   . THR A 1 73 ? -1.237  1.633   -7.431  1.00 25.53 ? 355  THR A O   1 
ATOM   552 C CB  . THR A 1 73 ? -1.865  2.265   -10.348 1.00 26.00 ? 355  THR A CB  1 
ATOM   553 O OG1 . THR A 1 73 ? -2.158  1.900   -11.705 1.00 27.00 ? 355  THR A OG1 1 
ATOM   554 C CG2 . THR A 1 73 ? -1.311  3.685   -10.303 1.00 26.65 ? 355  THR A CG2 1 
ATOM   555 N N   . VAL A 1 74 ? 0.802   2.157   -8.243  1.00 22.83 ? 356  VAL A N   1 
ATOM   556 C CA  . VAL A 1 74 ? 1.344   2.622   -6.971  1.00 22.85 ? 356  VAL A CA  1 
ATOM   557 C C   . VAL A 1 74 ? 1.497   4.138   -7.019  1.00 23.82 ? 356  VAL A C   1 
ATOM   558 O O   . VAL A 1 74 ? 2.193   4.675   -7.884  1.00 25.62 ? 356  VAL A O   1 
ATOM   559 C CB  . VAL A 1 74 ? 2.727   1.993   -6.700  1.00 23.05 ? 356  VAL A CB  1 
ATOM   560 C CG1 . VAL A 1 74 ? 3.277   2.488   -5.370  1.00 23.01 ? 356  VAL A CG1 1 
ATOM   561 C CG2 . VAL A 1 74 ? 2.614   0.472   -6.716  1.00 20.60 ? 356  VAL A CG2 1 
ATOM   562 N N   . SER A 1 75 ? 0.838   4.826   -6.096  1.00 21.43 ? 357  SER A N   1 
ATOM   563 C CA  . SER A 1 75 ? 0.917   6.278   -6.035  1.00 23.71 ? 357  SER A CA  1 
ATOM   564 C C   . SER A 1 75 ? 1.363   6.654   -4.633  1.00 21.92 ? 357  SER A C   1 
ATOM   565 O O   . SER A 1 75 ? 0.954   6.027   -3.657  1.00 22.30 ? 357  SER A O   1 
ATOM   566 C CB  . SER A 1 75 ? -0.448  6.898   -6.331  1.00 23.41 ? 357  SER A CB  1 
ATOM   567 O OG  . SER A 1 75 ? -0.910  6.503   -7.610  1.00 31.25 ? 357  SER A OG  1 
ATOM   568 N N   . THR A 1 76 ? 2.210   7.673   -4.532  1.00 23.01 ? 358  THR A N   1 
ATOM   569 C CA  . THR A 1 76 ? 2.703   8.119   -3.234  1.00 22.06 ? 358  THR A CA  1 
ATOM   570 C C   . THR A 1 76 ? 2.195   9.522   -2.895  1.00 21.63 ? 358  THR A C   1 
ATOM   571 O O   . THR A 1 76 ? 1.854   10.310  -3.779  1.00 23.22 ? 358  THR A O   1 
ATOM   572 C CB  . THR A 1 76 ? 4.243   8.136   -3.205  1.00 23.33 ? 358  THR A CB  1 
ATOM   573 O OG1 . THR A 1 76 ? 4.721   8.993   -4.248  1.00 24.31 ? 358  THR A OG1 1 
ATOM   574 C CG2 . THR A 1 76 ? 4.803   6.725   -3.411  1.00 21.69 ? 358  THR A CG2 1 
ATOM   575 N N   . GLY A 1 77 ? 2.159   9.820   -1.603  1.00 22.55 ? 359  GLY A N   1 
ATOM   576 C CA  . GLY A 1 77 ? 1.703   11.117  -1.146  1.00 24.37 ? 359  GLY A CA  1 
ATOM   577 C C   . GLY A 1 77 ? 2.016   11.290  0.323   1.00 26.08 ? 359  GLY A C   1 
ATOM   578 O O   . GLY A 1 77 ? 2.754   10.494  0.905   1.00 25.50 ? 359  GLY A O   1 
ATOM   579 N N   . PHE A 1 78 ? 1.455   12.333  0.926   1.00 26.69 ? 360  PHE A N   1 
ATOM   580 C CA  . PHE A 1 78 ? 1.674   12.615  2.339   1.00 29.50 ? 360  PHE A CA  1 
ATOM   581 C C   . PHE A 1 78 ? 0.411   13.170  2.980   1.00 30.74 ? 360  PHE A C   1 
ATOM   582 O O   . PHE A 1 78 ? -0.393  13.823  2.315   1.00 29.30 ? 360  PHE A O   1 
ATOM   583 C CB  . PHE A 1 78 ? 2.788   13.650  2.527   1.00 32.42 ? 360  PHE A CB  1 
ATOM   584 C CG  . PHE A 1 78 ? 4.145   13.183  2.095   1.00 34.17 ? 360  PHE A CG  1 
ATOM   585 C CD1 . PHE A 1 78 ? 4.468   13.079  0.743   1.00 36.24 ? 360  PHE A CD1 1 
ATOM   586 C CD2 . PHE A 1 78 ? 5.114   12.862  3.042   1.00 36.43 ? 360  PHE A CD2 1 
ATOM   587 C CE1 . PHE A 1 78 ? 5.736   12.663  0.340   1.00 37.19 ? 360  PHE A CE1 1 
ATOM   588 C CE2 . PHE A 1 78 ? 6.384   12.446  2.652   1.00 37.00 ? 360  PHE A CE2 1 
ATOM   589 C CZ  . PHE A 1 78 ? 6.697   12.347  1.297   1.00 37.30 ? 360  PHE A CZ  1 
ATOM   590 N N   . MET A 1 79 ? 0.246   12.899  4.270   1.00 32.26 ? 361  MET A N   1 
ATOM   591 C CA  . MET A 1 79 ? -0.891  13.403  5.032   1.00 36.93 ? 361  MET A CA  1 
ATOM   592 C C   . MET A 1 79 ? -0.330  14.256  6.164   1.00 39.92 ? 361  MET A C   1 
ATOM   593 O O   . MET A 1 79 ? 0.889   14.365  6.318   1.00 40.11 ? 361  MET A O   1 
ATOM   594 C CB  . MET A 1 79 ? -1.717  12.255  5.621   1.00 35.56 ? 361  MET A CB  1 
ATOM   595 C CG  . MET A 1 79 ? -2.564  11.498  4.617   1.00 36.04 ? 361  MET A CG  1 
ATOM   596 S SD  . MET A 1 79 ? -3.747  12.553  3.767   1.00 36.09 ? 361  MET A SD  1 
ATOM   597 C CE  . MET A 1 79 ? -4.782  13.110  5.147   1.00 33.94 ? 361  MET A CE  1 
ATOM   598 N N   . SER A 1 80 ? -1.217  14.855  6.955   1.00 43.56 ? 362  SER A N   1 
ATOM   599 C CA  . SER A 1 80 ? -0.799  15.703  8.066   1.00 46.11 ? 362  SER A CA  1 
ATOM   600 C C   . SER A 1 80 ? -1.123  15.080  9.423   1.00 46.55 ? 362  SER A C   1 
ATOM   601 C CB  . SER A 1 80 ? -1.471  17.072  7.955   1.00 47.31 ? 362  SER A CB  1 
ATOM   602 O OG  . SER A 1 80 ? -1.027  17.937  8.984   1.00 51.30 ? 362  SER A OG  1 
HETATM 603 S S   . SO4 B 2 .  ? 5.369   -6.817  -20.325 1.00 62.16 ? 4770 SO4 A S   1 
HETATM 604 O O1  . SO4 B 2 .  ? 4.667   -5.566  -20.669 1.00 63.02 ? 4770 SO4 A O1  1 
HETATM 605 O O2  . SO4 B 2 .  ? 4.487   -7.968  -20.588 1.00 63.02 ? 4770 SO4 A O2  1 
HETATM 606 O O3  . SO4 B 2 .  ? 6.592   -6.929  -21.140 1.00 63.66 ? 4770 SO4 A O3  1 
HETATM 607 O O4  . SO4 B 2 .  ? 5.732   -6.809  -18.895 1.00 63.67 ? 4770 SO4 A O4  1 
HETATM 608 O O   . HOH C 3 .  ? -4.125  -6.759  -10.592 1.00 27.38 ? 4771 HOH A O   1 
HETATM 609 O O   . HOH C 3 .  ? -4.709  -11.386 -8.673  1.00 22.33 ? 4772 HOH A O   1 
HETATM 610 O O   . HOH C 3 .  ? 12.920  9.173   6.175   1.00 24.98 ? 4773 HOH A O   1 
HETATM 611 O O   . HOH C 3 .  ? -9.541  -6.569  -1.276  1.00 23.78 ? 4774 HOH A O   1 
HETATM 612 O O   . HOH C 3 .  ? -13.341 -0.879  3.273   1.00 30.92 ? 4775 HOH A O   1 
HETATM 613 O O   . HOH C 3 .  ? -11.186 -5.065  2.732   1.00 33.01 ? 4776 HOH A O   1 
HETATM 614 O O   . HOH C 3 .  ? 7.557   -2.285  -5.054  1.00 30.22 ? 4777 HOH A O   1 
HETATM 615 O O   . HOH C 3 .  ? -2.911  -1.745  9.596   1.00 35.98 ? 4778 HOH A O   1 
HETATM 616 O O   . HOH C 3 .  ? -11.894 4.450   -10.217 1.00 44.22 ? 4779 HOH A O   1 
HETATM 617 O O   . HOH C 3 .  ? 4.976   8.776   0.507   1.00 32.18 ? 4780 HOH A O   1 
HETATM 618 O O   . HOH C 3 .  ? -18.215 7.898   -6.590  1.00 36.10 ? 4781 HOH A O   1 
HETATM 619 O O   . HOH C 3 .  ? -13.989 -1.950  -2.192  1.00 33.95 ? 4782 HOH A O   1 
HETATM 620 O O   . HOH C 3 .  ? -5.679  9.083   -4.999  1.00 42.13 ? 4783 HOH A O   1 
HETATM 621 O O   . HOH C 3 .  ? -5.302  -4.544  -11.062 1.00 23.05 ? 4784 HOH A O   1 
HETATM 622 O O   . HOH C 3 .  ? -0.102  -13.367 6.250   1.00 50.39 ? 4785 HOH A O   1 
HETATM 623 O O   . HOH C 3 .  ? 5.646   -0.609  11.797  1.00 44.60 ? 4786 HOH A O   1 
HETATM 624 O O   . HOH C 3 .  ? 3.261   -1.468  -10.323 1.00 38.13 ? 4787 HOH A O   1 
HETATM 625 O O   . HOH C 3 .  ? -8.410  -9.199  3.706   1.00 48.70 ? 4788 HOH A O   1 
HETATM 626 O O   . HOH C 3 .  ? 12.840  -7.344  6.530   1.00 61.52 ? 4789 HOH A O   1 
HETATM 627 O O   . HOH C 3 .  ? -11.469 -7.348  1.151   1.00 41.81 ? 4790 HOH A O   1 
HETATM 628 O O   . HOH C 3 .  ? 3.160   6.228   10.943  1.00 33.46 ? 4791 HOH A O   1 
HETATM 629 O O   . HOH C 3 .  ? 4.579   -8.227  -12.569 1.00 27.52 ? 4792 HOH A O   1 
HETATM 630 O O   . HOH C 3 .  ? 9.131   -8.927  10.872  1.00 44.22 ? 4793 HOH A O   1 
HETATM 631 O O   . HOH C 3 .  ? -2.280  4.279   -7.292  1.00 33.43 ? 4794 HOH A O   1 
HETATM 632 O O   . HOH C 3 .  ? -4.643  0.353   -11.413 1.00 50.86 ? 4795 HOH A O   1 
HETATM 633 O O   . HOH C 3 .  ? -11.928 -5.012  -7.959  1.00 40.32 ? 4796 HOH A O   1 
HETATM 634 O O   . HOH C 3 .  ? -7.278  -12.506 -3.193  1.00 37.22 ? 4797 HOH A O   1 
HETATM 635 O O   . HOH C 3 .  ? 2.577   -17.877 1.683   1.00 43.69 ? 4798 HOH A O   1 
HETATM 636 O O   . HOH C 3 .  ? 8.504   -7.144  9.132   1.00 37.50 ? 4799 HOH A O   1 
HETATM 637 O O   . HOH C 3 .  ? -12.784 3.284   -7.165  1.00 35.75 ? 4800 HOH A O   1 
HETATM 638 O O   . HOH C 3 .  ? 11.193  5.160   10.017  1.00 40.83 ? 4801 HOH A O   1 
HETATM 639 O O   . HOH C 3 .  ? -18.724 -0.634  0.165   1.00 47.79 ? 4802 HOH A O   1 
HETATM 640 O O   . HOH C 3 .  ? -13.790 -5.384  -2.271  1.00 44.95 ? 4803 HOH A O   1 
HETATM 641 O O   . HOH C 3 .  ? -3.039  3.900   12.728  1.00 54.24 ? 4804 HOH A O   1 
HETATM 642 O O   . HOH C 3 .  ? 10.915  11.113  6.062   1.00 39.91 ? 4805 HOH A O   1 
HETATM 643 O O   . HOH C 3 .  ? 0.307   1.820   -13.859 1.00 45.16 ? 4806 HOH A O   1 
HETATM 644 O O   . HOH C 3 .  ? 6.554   4.676   -6.545  1.00 50.49 ? 4807 HOH A O   1 
HETATM 645 O O   . HOH C 3 .  ? 6.212   -9.336  -1.308  1.00 37.89 ? 4808 HOH A O   1 
HETATM 646 O O   . HOH C 3 .  ? 3.250   8.572   -7.335  1.00 36.47 ? 4809 HOH A O   1 
HETATM 647 O O   . HOH C 3 .  ? -6.740  7.717   1.065   0.50 26.69 ? 4810 HOH A O   1 
# 
loop_
_pdbx_poly_seq_scheme.asym_id 
_pdbx_poly_seq_scheme.entity_id 
_pdbx_poly_seq_scheme.seq_id 
_pdbx_poly_seq_scheme.mon_id 
_pdbx_poly_seq_scheme.ndb_seq_num 
_pdbx_poly_seq_scheme.pdb_seq_num 
_pdbx_poly_seq_scheme.auth_seq_num 
_pdbx_poly_seq_scheme.pdb_mon_id 
_pdbx_poly_seq_scheme.auth_mon_id 
_pdbx_poly_seq_scheme.pdb_strand_id 
_pdbx_poly_seq_scheme.pdb_ins_code 
_pdbx_poly_seq_scheme.hetero 
A 1 1  THR 1  283 283 THR THR A . n 
A 1 2  THR 2  284 284 THR THR A . n 
A 1 3  PRO 3  285 285 PRO PRO A . n 
A 1 4  ILE 4  286 286 ILE ILE A . n 
A 1 5  VAL 5  287 287 VAL VAL A . n 
A 1 6  HIS 6  288 288 HIS HIS A . n 
A 1 7  LEU 7  289 289 LEU LEU A . n 
A 1 8  LYS 8  290 290 LYS LYS A . n 
A 1 9  GLY 9  291 291 GLY GLY A . n 
A 1 10 ASP 10 292 292 ASP ASP A . n 
A 1 11 ALA 11 293 293 ALA ALA A . n 
A 1 12 ASN 12 294 294 ASN ASN A . n 
A 1 13 THR 13 295 295 THR THR A . n 
A 1 14 LEU 14 296 296 LEU LEU A . n 
A 1 15 LYS 15 297 297 LYS LYS A . n 
A 1 16 CYS 16 298 298 CYS CYS A . n 
A 1 17 LEU 17 299 299 LEU LEU A . n 
A 1 18 ARG 18 300 300 ARG ARG A . n 
A 1 19 TYR 19 301 301 TYR TYR A . n 
A 1 20 ARG 20 302 302 ARG ARG A . n 
A 1 21 PHE 21 303 303 PHE PHE A . n 
A 1 22 LYS 22 304 304 LYS LYS A . n 
A 1 23 LYS 23 305 305 LYS LYS A . n 
A 1 24 HIS 24 306 306 HIS HIS A . n 
A 1 25 CYS 25 307 307 CYS CYS A . n 
A 1 26 THR 26 308 308 THR THR A . n 
A 1 27 LEU 27 309 309 LEU LEU A . n 
A 1 28 TYR 28 310 310 TYR TYR A . n 
A 1 29 THR 29 311 311 THR THR A . n 
A 1 30 ALA 30 312 312 ALA ALA A . n 
A 1 31 VAL 31 313 313 VAL VAL A . n 
A 1 32 SER 32 314 314 SER SER A . n 
A 1 33 SER 33 315 315 SER SER A . n 
A 1 34 THR 34 316 316 THR THR A . n 
A 1 35 TRP 35 317 317 TRP TRP A . n 
A 1 36 HIS 36 318 318 HIS HIS A . n 
A 1 37 TRP 37 319 319 TRP TRP A . n 
A 1 38 THR 38 320 320 THR THR A . n 
A 1 39 GLY 39 321 ?   ?   ?   A . n 
A 1 40 HIS 40 322 ?   ?   ?   A . n 
A 1 41 ASN 41 323 ?   ?   ?   A . n 
A 1 42 VAL 42 324 ?   ?   ?   A . n 
A 1 43 LYS 43 325 ?   ?   ?   A . n 
A 1 44 HIS 44 326 ?   ?   ?   A . n 
A 1 45 LYS 45 327 327 LYS LYS A . n 
A 1 46 SER 46 328 328 SER SER A . n 
A 1 47 ALA 47 329 329 ALA ALA A . n 
A 1 48 ILE 48 330 330 ILE ILE A . n 
A 1 49 VAL 49 331 331 VAL VAL A . n 
A 1 50 THR 50 332 332 THR THR A . n 
A 1 51 LEU 51 333 333 LEU LEU A . n 
A 1 52 THR 52 334 334 THR THR A . n 
A 1 53 TYR 53 335 335 TYR TYR A . n 
A 1 54 ASP 54 336 336 ASP ASP A . n 
A 1 55 SER 55 337 337 SER SER A . n 
A 1 56 GLU 56 338 338 GLU GLU A . n 
A 1 57 TRP 57 339 339 TRP TRP A . n 
A 1 58 GLN 58 340 340 GLN GLN A . n 
A 1 59 ARG 59 341 341 ARG ARG A . n 
A 1 60 ASP 60 342 342 ASP ASP A . n 
A 1 61 GLN 61 343 343 GLN GLN A . n 
A 1 62 PHE 62 344 344 PHE PHE A . n 
A 1 63 LEU 63 345 345 LEU LEU A . n 
A 1 64 SER 64 346 346 SER SER A . n 
A 1 65 GLN 65 347 347 GLN GLN A . n 
A 1 66 VAL 66 348 348 VAL VAL A . n 
A 1 67 LYS 67 349 349 LYS LYS A . n 
A 1 68 ILE 68 350 350 ILE ILE A . n 
A 1 69 PRO 69 351 351 PRO PRO A . n 
A 1 70 LYS 70 352 352 LYS LYS A . n 
A 1 71 THR 71 353 353 THR THR A . n 
A 1 72 ILE 72 354 354 ILE ILE A . n 
A 1 73 THR 73 355 355 THR THR A . n 
A 1 74 VAL 74 356 356 VAL VAL A . n 
A 1 75 SER 75 357 357 SER SER A . n 
A 1 76 THR 76 358 358 THR THR A . n 
A 1 77 GLY 77 359 359 GLY GLY A . n 
A 1 78 PHE 78 360 360 PHE PHE A . n 
A 1 79 MET 79 361 361 MET MET A . n 
A 1 80 SER 80 362 362 SER SER A . n 
A 1 81 ILE 81 363 ?   ?   ?   A . n 
A 1 82 GLY 82 364 ?   ?   ?   A . n 
A 1 83 GLY 83 365 ?   ?   ?   A . n 
A 1 84 GLY 84 366 ?   ?   ?   A . n 
A 1 85 THR 85 367 ?   ?   ?   A . n 
A 1 86 GLY 86 368 ?   ?   ?   A . n 
A 1 87 GLY 87 369 ?   ?   ?   A . n 
A 1 88 GLY 88 370 ?   ?   ?   A . n 
A 1 89 SER 89 371 ?   ?   ?   A . n 
A 1 90 GLY 90 372 ?   ?   ?   A . n 
A 1 91 GLY 91 373 ?   ?   ?   A . n 
A 1 92 GLY 92 374 ?   ?   ?   A . n 
A 1 93 SER 93 375 ?   ?   ?   A . n 
# 
loop_
_pdbx_nonpoly_scheme.asym_id 
_pdbx_nonpoly_scheme.entity_id 
_pdbx_nonpoly_scheme.mon_id 
_pdbx_nonpoly_scheme.ndb_seq_num 
_pdbx_nonpoly_scheme.pdb_seq_num 
_pdbx_nonpoly_scheme.auth_seq_num 
_pdbx_nonpoly_scheme.pdb_mon_id 
_pdbx_nonpoly_scheme.auth_mon_id 
_pdbx_nonpoly_scheme.pdb_strand_id 
_pdbx_nonpoly_scheme.pdb_ins_code 
B 2 SO4 1  4770 4770 SO4 SO4 A . 
C 3 HOH 1  4771 1    HOH TIP A . 
C 3 HOH 2  4772 2    HOH TIP A . 
C 3 HOH 3  4773 3    HOH TIP A . 
C 3 HOH 4  4774 4    HOH TIP A . 
C 3 HOH 5  4775 5    HOH TIP A . 
C 3 HOH 6  4776 6    HOH TIP A . 
C 3 HOH 7  4777 7    HOH TIP A . 
C 3 HOH 8  4778 8    HOH TIP A . 
C 3 HOH 9  4779 10   HOH TIP A . 
C 3 HOH 10 4780 11   HOH TIP A . 
C 3 HOH 11 4781 12   HOH TIP A . 
C 3 HOH 12 4782 13   HOH TIP A . 
C 3 HOH 13 4783 14   HOH TIP A . 
C 3 HOH 14 4784 15   HOH TIP A . 
C 3 HOH 15 4785 16   HOH TIP A . 
C 3 HOH 16 4786 17   HOH TIP A . 
C 3 HOH 17 4787 18   HOH TIP A . 
C 3 HOH 18 4788 19   HOH TIP A . 
C 3 HOH 19 4789 20   HOH TIP A . 
C 3 HOH 20 4790 21   HOH TIP A . 
C 3 HOH 21 4791 23   HOH TIP A . 
C 3 HOH 22 4792 24   HOH TIP A . 
C 3 HOH 23 4793 25   HOH TIP A . 
C 3 HOH 24 4794 26   HOH TIP A . 
C 3 HOH 25 4795 27   HOH TIP A . 
C 3 HOH 26 4796 28   HOH TIP A . 
C 3 HOH 27 4797 29   HOH TIP A . 
C 3 HOH 28 4798 32   HOH TIP A . 
C 3 HOH 29 4799 33   HOH TIP A . 
C 3 HOH 30 4800 35   HOH TIP A . 
C 3 HOH 31 4801 36   HOH TIP A . 
C 3 HOH 32 4802 38   HOH TIP A . 
C 3 HOH 33 4803 39   HOH TIP A . 
C 3 HOH 34 4804 40   HOH TIP A . 
C 3 HOH 35 4805 41   HOH TIP A . 
C 3 HOH 36 4806 42   HOH TIP A . 
C 3 HOH 37 4807 43   HOH TIP A . 
C 3 HOH 38 4808 44   HOH TIP A . 
C 3 HOH 39 4809 45   HOH TIP A . 
C 3 HOH 40 4810 46   HOH TIP A . 
# 
_pdbx_struct_assembly.id                   1 
_pdbx_struct_assembly.details              author_and_software_defined_assembly 
_pdbx_struct_assembly.method_details       PISA,PQS 
_pdbx_struct_assembly.oligomeric_details   dimeric 
_pdbx_struct_assembly.oligomeric_count     2 
# 
_pdbx_struct_assembly_gen.assembly_id       1 
_pdbx_struct_assembly_gen.oper_expression   1,2 
_pdbx_struct_assembly_gen.asym_id_list      A,B,C 
# 
loop_
_pdbx_struct_assembly_prop.biol_id 
_pdbx_struct_assembly_prop.type 
_pdbx_struct_assembly_prop.value 
_pdbx_struct_assembly_prop.details 
1 'ABSA (A^2)' 1840 ? 
1 MORE         -31  ? 
1 'SSA (A^2)'  8170 ? 
# 
loop_
_pdbx_struct_oper_list.id 
_pdbx_struct_oper_list.type 
_pdbx_struct_oper_list.name 
_pdbx_struct_oper_list.symmetry_operation 
_pdbx_struct_oper_list.matrix[1][1] 
_pdbx_struct_oper_list.matrix[1][2] 
_pdbx_struct_oper_list.matrix[1][3] 
_pdbx_struct_oper_list.vector[1] 
_pdbx_struct_oper_list.matrix[2][1] 
_pdbx_struct_oper_list.matrix[2][2] 
_pdbx_struct_oper_list.matrix[2][3] 
_pdbx_struct_oper_list.vector[2] 
_pdbx_struct_oper_list.matrix[3][1] 
_pdbx_struct_oper_list.matrix[3][2] 
_pdbx_struct_oper_list.matrix[3][3] 
_pdbx_struct_oper_list.vector[3] 
1 'identity operation'         1_555 x,y,z          1.0000000000  0.0000000000 0.0000000000  0.0000000000   0.0000000000 1.0000000000  0.0000000000  0.0000000000  0.0000000000  0.0000000000  1.0000000000  0.0000000000 
2 'crystal symmetry operation' 6_555 -x,-x+y,-z+1/3 -0.0065269618 0.9900762788 -0.1403793463 -13.8132549203 0.9900762788 -0.0133088668 -0.1398993788 14.2850429349 -0.1403793463 -0.1398993788 -0.9801641714 2.9932168048 
# 
loop_
_pdbx_audit_revision_history.ordinal 
_pdbx_audit_revision_history.data_content_type 
_pdbx_audit_revision_history.major_revision 
_pdbx_audit_revision_history.minor_revision 
_pdbx_audit_revision_history.revision_date 
1 'Structure model' 1 0 2007-10-16 
2 'Structure model' 1 1 2011-07-13 
3 'Structure model' 1 2 2023-08-30 
# 
_pdbx_audit_revision_details.ordinal             1 
_pdbx_audit_revision_details.revision_ordinal    1 
_pdbx_audit_revision_details.data_content_type   'Structure model' 
_pdbx_audit_revision_details.provider            repository 
_pdbx_audit_revision_details.type                'Initial release' 
_pdbx_audit_revision_details.description         ? 
_pdbx_audit_revision_details.details             ? 
# 
loop_
_pdbx_audit_revision_group.ordinal 
_pdbx_audit_revision_group.revision_ordinal 
_pdbx_audit_revision_group.data_content_type 
_pdbx_audit_revision_group.group 
1 2 'Structure model' 'Derived calculations'      
2 2 'Structure model' 'Version format compliance' 
3 3 'Structure model' 'Data collection'           
4 3 'Structure model' 'Database references'       
5 3 'Structure model' 'Derived calculations'      
6 3 'Structure model' 'Refinement description'    
# 
loop_
_pdbx_audit_revision_category.ordinal 
_pdbx_audit_revision_category.revision_ordinal 
_pdbx_audit_revision_category.data_content_type 
_pdbx_audit_revision_category.category 
1 3 'Structure model' chem_comp_atom                
2 3 'Structure model' chem_comp_bond                
3 3 'Structure model' database_2                    
4 3 'Structure model' pdbx_initial_refinement_model 
5 3 'Structure model' struct_ref_seq_dif            
6 3 'Structure model' struct_site                   
# 
loop_
_pdbx_audit_revision_item.ordinal 
_pdbx_audit_revision_item.revision_ordinal 
_pdbx_audit_revision_item.data_content_type 
_pdbx_audit_revision_item.item 
1 3 'Structure model' '_database_2.pdbx_DOI'                
2 3 'Structure model' '_database_2.pdbx_database_accession' 
3 3 'Structure model' '_struct_ref_seq_dif.details'         
4 3 'Structure model' '_struct_site.pdbx_auth_asym_id'      
5 3 'Structure model' '_struct_site.pdbx_auth_comp_id'      
6 3 'Structure model' '_struct_site.pdbx_auth_seq_id'       
# 
loop_
_software.name 
_software.classification 
_software.version 
_software.citation_id 
_software.pdbx_ordinal 
MAR345dtb 'data collection' . ? 1 
AMoRE     phasing           . ? 2 
CNS       refinement        . ? 3 
MOSFLM    'data reduction'  . ? 4 
SCALA     'data scaling'    . ? 5 
# 
_pdbx_unobs_or_zero_occ_atoms.id               1 
_pdbx_unobs_or_zero_occ_atoms.PDB_model_num    1 
_pdbx_unobs_or_zero_occ_atoms.polymer_flag     Y 
_pdbx_unobs_or_zero_occ_atoms.occupancy_flag   1 
_pdbx_unobs_or_zero_occ_atoms.auth_asym_id     A 
_pdbx_unobs_or_zero_occ_atoms.auth_comp_id     SER 
_pdbx_unobs_or_zero_occ_atoms.auth_seq_id      362 
_pdbx_unobs_or_zero_occ_atoms.PDB_ins_code     ? 
_pdbx_unobs_or_zero_occ_atoms.auth_atom_id     O 
_pdbx_unobs_or_zero_occ_atoms.label_alt_id     ? 
_pdbx_unobs_or_zero_occ_atoms.label_asym_id    A 
_pdbx_unobs_or_zero_occ_atoms.label_comp_id    SER 
_pdbx_unobs_or_zero_occ_atoms.label_seq_id     80 
_pdbx_unobs_or_zero_occ_atoms.label_atom_id    O 
# 
loop_
_pdbx_unobs_or_zero_occ_residues.id 
_pdbx_unobs_or_zero_occ_residues.PDB_model_num 
_pdbx_unobs_or_zero_occ_residues.polymer_flag 
_pdbx_unobs_or_zero_occ_residues.occupancy_flag 
_pdbx_unobs_or_zero_occ_residues.auth_asym_id 
_pdbx_unobs_or_zero_occ_residues.auth_comp_id 
_pdbx_unobs_or_zero_occ_residues.auth_seq_id 
_pdbx_unobs_or_zero_occ_residues.PDB_ins_code 
_pdbx_unobs_or_zero_occ_residues.label_asym_id 
_pdbx_unobs_or_zero_occ_residues.label_comp_id 
_pdbx_unobs_or_zero_occ_residues.label_seq_id 
1  1 Y 1 A GLY 321 ? A GLY 39 
2  1 Y 1 A HIS 322 ? A HIS 40 
3  1 Y 1 A ASN 323 ? A ASN 41 
4  1 Y 1 A VAL 324 ? A VAL 42 
5  1 Y 1 A LYS 325 ? A LYS 43 
6  1 Y 1 A HIS 326 ? A HIS 44 
7  1 Y 1 A ILE 363 ? A ILE 81 
8  1 Y 1 A GLY 364 ? A GLY 82 
9  1 Y 1 A GLY 365 ? A GLY 83 
10 1 Y 1 A GLY 366 ? A GLY 84 
11 1 Y 1 A THR 367 ? A THR 85 
12 1 Y 1 A GLY 368 ? A GLY 86 
13 1 Y 1 A GLY 369 ? A GLY 87 
14 1 Y 1 A GLY 370 ? A GLY 88 
15 1 Y 1 A SER 371 ? A SER 89 
16 1 Y 1 A GLY 372 ? A GLY 90 
17 1 Y 1 A GLY 373 ? A GLY 91 
18 1 Y 1 A GLY 374 ? A GLY 92 
19 1 Y 1 A SER 375 ? A SER 93 
# 
loop_
_chem_comp_atom.comp_id 
_chem_comp_atom.atom_id 
_chem_comp_atom.type_symbol 
_chem_comp_atom.pdbx_aromatic_flag 
_chem_comp_atom.pdbx_stereo_config 
_chem_comp_atom.pdbx_ordinal 
ALA N    N N N 1   
ALA CA   C N S 2   
ALA C    C N N 3   
ALA O    O N N 4   
ALA CB   C N N 5   
ALA OXT  O N N 6   
ALA H    H N N 7   
ALA H2   H N N 8   
ALA HA   H N N 9   
ALA HB1  H N N 10  
ALA HB2  H N N 11  
ALA HB3  H N N 12  
ALA HXT  H N N 13  
ARG N    N N N 14  
ARG CA   C N S 15  
ARG C    C N N 16  
ARG O    O N N 17  
ARG CB   C N N 18  
ARG CG   C N N 19  
ARG CD   C N N 20  
ARG NE   N N N 21  
ARG CZ   C N N 22  
ARG NH1  N N N 23  
ARG NH2  N N N 24  
ARG OXT  O N N 25  
ARG H    H N N 26  
ARG H2   H N N 27  
ARG HA   H N N 28  
ARG HB2  H N N 29  
ARG HB3  H N N 30  
ARG HG2  H N N 31  
ARG HG3  H N N 32  
ARG HD2  H N N 33  
ARG HD3  H N N 34  
ARG HE   H N N 35  
ARG HH11 H N N 36  
ARG HH12 H N N 37  
ARG HH21 H N N 38  
ARG HH22 H N N 39  
ARG HXT  H N N 40  
ASN N    N N N 41  
ASN CA   C N S 42  
ASN C    C N N 43  
ASN O    O N N 44  
ASN CB   C N N 45  
ASN CG   C N N 46  
ASN OD1  O N N 47  
ASN ND2  N N N 48  
ASN OXT  O N N 49  
ASN H    H N N 50  
ASN H2   H N N 51  
ASN HA   H N N 52  
ASN HB2  H N N 53  
ASN HB3  H N N 54  
ASN HD21 H N N 55  
ASN HD22 H N N 56  
ASN HXT  H N N 57  
ASP N    N N N 58  
ASP CA   C N S 59  
ASP C    C N N 60  
ASP O    O N N 61  
ASP CB   C N N 62  
ASP CG   C N N 63  
ASP OD1  O N N 64  
ASP OD2  O N N 65  
ASP OXT  O N N 66  
ASP H    H N N 67  
ASP H2   H N N 68  
ASP HA   H N N 69  
ASP HB2  H N N 70  
ASP HB3  H N N 71  
ASP HD2  H N N 72  
ASP HXT  H N N 73  
CYS N    N N N 74  
CYS CA   C N R 75  
CYS C    C N N 76  
CYS O    O N N 77  
CYS CB   C N N 78  
CYS SG   S N N 79  
CYS OXT  O N N 80  
CYS H    H N N 81  
CYS H2   H N N 82  
CYS HA   H N N 83  
CYS HB2  H N N 84  
CYS HB3  H N N 85  
CYS HG   H N N 86  
CYS HXT  H N N 87  
GLN N    N N N 88  
GLN CA   C N S 89  
GLN C    C N N 90  
GLN O    O N N 91  
GLN CB   C N N 92  
GLN CG   C N N 93  
GLN CD   C N N 94  
GLN OE1  O N N 95  
GLN NE2  N N N 96  
GLN OXT  O N N 97  
GLN H    H N N 98  
GLN H2   H N N 99  
GLN HA   H N N 100 
GLN HB2  H N N 101 
GLN HB3  H N N 102 
GLN HG2  H N N 103 
GLN HG3  H N N 104 
GLN HE21 H N N 105 
GLN HE22 H N N 106 
GLN HXT  H N N 107 
GLU N    N N N 108 
GLU CA   C N S 109 
GLU C    C N N 110 
GLU O    O N N 111 
GLU CB   C N N 112 
GLU CG   C N N 113 
GLU CD   C N N 114 
GLU OE1  O N N 115 
GLU OE2  O N N 116 
GLU OXT  O N N 117 
GLU H    H N N 118 
GLU H2   H N N 119 
GLU HA   H N N 120 
GLU HB2  H N N 121 
GLU HB3  H N N 122 
GLU HG2  H N N 123 
GLU HG3  H N N 124 
GLU HE2  H N N 125 
GLU HXT  H N N 126 
GLY N    N N N 127 
GLY CA   C N N 128 
GLY C    C N N 129 
GLY O    O N N 130 
GLY OXT  O N N 131 
GLY H    H N N 132 
GLY H2   H N N 133 
GLY HA2  H N N 134 
GLY HA3  H N N 135 
GLY HXT  H N N 136 
HIS N    N N N 137 
HIS CA   C N S 138 
HIS C    C N N 139 
HIS O    O N N 140 
HIS CB   C N N 141 
HIS CG   C Y N 142 
HIS ND1  N Y N 143 
HIS CD2  C Y N 144 
HIS CE1  C Y N 145 
HIS NE2  N Y N 146 
HIS OXT  O N N 147 
HIS H    H N N 148 
HIS H2   H N N 149 
HIS HA   H N N 150 
HIS HB2  H N N 151 
HIS HB3  H N N 152 
HIS HD1  H N N 153 
HIS HD2  H N N 154 
HIS HE1  H N N 155 
HIS HE2  H N N 156 
HIS HXT  H N N 157 
HOH O    O N N 158 
HOH H1   H N N 159 
HOH H2   H N N 160 
ILE N    N N N 161 
ILE CA   C N S 162 
ILE C    C N N 163 
ILE O    O N N 164 
ILE CB   C N S 165 
ILE CG1  C N N 166 
ILE CG2  C N N 167 
ILE CD1  C N N 168 
ILE OXT  O N N 169 
ILE H    H N N 170 
ILE H2   H N N 171 
ILE HA   H N N 172 
ILE HB   H N N 173 
ILE HG12 H N N 174 
ILE HG13 H N N 175 
ILE HG21 H N N 176 
ILE HG22 H N N 177 
ILE HG23 H N N 178 
ILE HD11 H N N 179 
ILE HD12 H N N 180 
ILE HD13 H N N 181 
ILE HXT  H N N 182 
LEU N    N N N 183 
LEU CA   C N S 184 
LEU C    C N N 185 
LEU O    O N N 186 
LEU CB   C N N 187 
LEU CG   C N N 188 
LEU CD1  C N N 189 
LEU CD2  C N N 190 
LEU OXT  O N N 191 
LEU H    H N N 192 
LEU H2   H N N 193 
LEU HA   H N N 194 
LEU HB2  H N N 195 
LEU HB3  H N N 196 
LEU HG   H N N 197 
LEU HD11 H N N 198 
LEU HD12 H N N 199 
LEU HD13 H N N 200 
LEU HD21 H N N 201 
LEU HD22 H N N 202 
LEU HD23 H N N 203 
LEU HXT  H N N 204 
LYS N    N N N 205 
LYS CA   C N S 206 
LYS C    C N N 207 
LYS O    O N N 208 
LYS CB   C N N 209 
LYS CG   C N N 210 
LYS CD   C N N 211 
LYS CE   C N N 212 
LYS NZ   N N N 213 
LYS OXT  O N N 214 
LYS H    H N N 215 
LYS H2   H N N 216 
LYS HA   H N N 217 
LYS HB2  H N N 218 
LYS HB3  H N N 219 
LYS HG2  H N N 220 
LYS HG3  H N N 221 
LYS HD2  H N N 222 
LYS HD3  H N N 223 
LYS HE2  H N N 224 
LYS HE3  H N N 225 
LYS HZ1  H N N 226 
LYS HZ2  H N N 227 
LYS HZ3  H N N 228 
LYS HXT  H N N 229 
MET N    N N N 230 
MET CA   C N S 231 
MET C    C N N 232 
MET O    O N N 233 
MET CB   C N N 234 
MET CG   C N N 235 
MET SD   S N N 236 
MET CE   C N N 237 
MET OXT  O N N 238 
MET H    H N N 239 
MET H2   H N N 240 
MET HA   H N N 241 
MET HB2  H N N 242 
MET HB3  H N N 243 
MET HG2  H N N 244 
MET HG3  H N N 245 
MET HE1  H N N 246 
MET HE2  H N N 247 
MET HE3  H N N 248 
MET HXT  H N N 249 
PHE N    N N N 250 
PHE CA   C N S 251 
PHE C    C N N 252 
PHE O    O N N 253 
PHE CB   C N N 254 
PHE CG   C Y N 255 
PHE CD1  C Y N 256 
PHE CD2  C Y N 257 
PHE CE1  C Y N 258 
PHE CE2  C Y N 259 
PHE CZ   C Y N 260 
PHE OXT  O N N 261 
PHE H    H N N 262 
PHE H2   H N N 263 
PHE HA   H N N 264 
PHE HB2  H N N 265 
PHE HB3  H N N 266 
PHE HD1  H N N 267 
PHE HD2  H N N 268 
PHE HE1  H N N 269 
PHE HE2  H N N 270 
PHE HZ   H N N 271 
PHE HXT  H N N 272 
PRO N    N N N 273 
PRO CA   C N S 274 
PRO C    C N N 275 
PRO O    O N N 276 
PRO CB   C N N 277 
PRO CG   C N N 278 
PRO CD   C N N 279 
PRO OXT  O N N 280 
PRO H    H N N 281 
PRO HA   H N N 282 
PRO HB2  H N N 283 
PRO HB3  H N N 284 
PRO HG2  H N N 285 
PRO HG3  H N N 286 
PRO HD2  H N N 287 
PRO HD3  H N N 288 
PRO HXT  H N N 289 
SER N    N N N 290 
SER CA   C N S 291 
SER C    C N N 292 
SER O    O N N 293 
SER CB   C N N 294 
SER OG   O N N 295 
SER OXT  O N N 296 
SER H    H N N 297 
SER H2   H N N 298 
SER HA   H N N 299 
SER HB2  H N N 300 
SER HB3  H N N 301 
SER HG   H N N 302 
SER HXT  H N N 303 
SO4 S    S N N 304 
SO4 O1   O N N 305 
SO4 O2   O N N 306 
SO4 O3   O N N 307 
SO4 O4   O N N 308 
THR N    N N N 309 
THR CA   C N S 310 
THR C    C N N 311 
THR O    O N N 312 
THR CB   C N R 313 
THR OG1  O N N 314 
THR CG2  C N N 315 
THR OXT  O N N 316 
THR H    H N N 317 
THR H2   H N N 318 
THR HA   H N N 319 
THR HB   H N N 320 
THR HG1  H N N 321 
THR HG21 H N N 322 
THR HG22 H N N 323 
THR HG23 H N N 324 
THR HXT  H N N 325 
TRP N    N N N 326 
TRP CA   C N S 327 
TRP C    C N N 328 
TRP O    O N N 329 
TRP CB   C N N 330 
TRP CG   C Y N 331 
TRP CD1  C Y N 332 
TRP CD2  C Y N 333 
TRP NE1  N Y N 334 
TRP CE2  C Y N 335 
TRP CE3  C Y N 336 
TRP CZ2  C Y N 337 
TRP CZ3  C Y N 338 
TRP CH2  C Y N 339 
TRP OXT  O N N 340 
TRP H    H N N 341 
TRP H2   H N N 342 
TRP HA   H N N 343 
TRP HB2  H N N 344 
TRP HB3  H N N 345 
TRP HD1  H N N 346 
TRP HE1  H N N 347 
TRP HE3  H N N 348 
TRP HZ2  H N N 349 
TRP HZ3  H N N 350 
TRP HH2  H N N 351 
TRP HXT  H N N 352 
TYR N    N N N 353 
TYR CA   C N S 354 
TYR C    C N N 355 
TYR O    O N N 356 
TYR CB   C N N 357 
TYR CG   C Y N 358 
TYR CD1  C Y N 359 
TYR CD2  C Y N 360 
TYR CE1  C Y N 361 
TYR CE2  C Y N 362 
TYR CZ   C Y N 363 
TYR OH   O N N 364 
TYR OXT  O N N 365 
TYR H    H N N 366 
TYR H2   H N N 367 
TYR HA   H N N 368 
TYR HB2  H N N 369 
TYR HB3  H N N 370 
TYR HD1  H N N 371 
TYR HD2  H N N 372 
TYR HE1  H N N 373 
TYR HE2  H N N 374 
TYR HH   H N N 375 
TYR HXT  H N N 376 
VAL N    N N N 377 
VAL CA   C N S 378 
VAL C    C N N 379 
VAL O    O N N 380 
VAL CB   C N N 381 
VAL CG1  C N N 382 
VAL CG2  C N N 383 
VAL OXT  O N N 384 
VAL H    H N N 385 
VAL H2   H N N 386 
VAL HA   H N N 387 
VAL HB   H N N 388 
VAL HG11 H N N 389 
VAL HG12 H N N 390 
VAL HG13 H N N 391 
VAL HG21 H N N 392 
VAL HG22 H N N 393 
VAL HG23 H N N 394 
VAL HXT  H N N 395 
# 
loop_
_chem_comp_bond.comp_id 
_chem_comp_bond.atom_id_1 
_chem_comp_bond.atom_id_2 
_chem_comp_bond.value_order 
_chem_comp_bond.pdbx_aromatic_flag 
_chem_comp_bond.pdbx_stereo_config 
_chem_comp_bond.pdbx_ordinal 
ALA N   CA   sing N N 1   
ALA N   H    sing N N 2   
ALA N   H2   sing N N 3   
ALA CA  C    sing N N 4   
ALA CA  CB   sing N N 5   
ALA CA  HA   sing N N 6   
ALA C   O    doub N N 7   
ALA C   OXT  sing N N 8   
ALA CB  HB1  sing N N 9   
ALA CB  HB2  sing N N 10  
ALA CB  HB3  sing N N 11  
ALA OXT HXT  sing N N 12  
ARG N   CA   sing N N 13  
ARG N   H    sing N N 14  
ARG N   H2   sing N N 15  
ARG CA  C    sing N N 16  
ARG CA  CB   sing N N 17  
ARG CA  HA   sing N N 18  
ARG C   O    doub N N 19  
ARG C   OXT  sing N N 20  
ARG CB  CG   sing N N 21  
ARG CB  HB2  sing N N 22  
ARG CB  HB3  sing N N 23  
ARG CG  CD   sing N N 24  
ARG CG  HG2  sing N N 25  
ARG CG  HG3  sing N N 26  
ARG CD  NE   sing N N 27  
ARG CD  HD2  sing N N 28  
ARG CD  HD3  sing N N 29  
ARG NE  CZ   sing N N 30  
ARG NE  HE   sing N N 31  
ARG CZ  NH1  sing N N 32  
ARG CZ  NH2  doub N N 33  
ARG NH1 HH11 sing N N 34  
ARG NH1 HH12 sing N N 35  
ARG NH2 HH21 sing N N 36  
ARG NH2 HH22 sing N N 37  
ARG OXT HXT  sing N N 38  
ASN N   CA   sing N N 39  
ASN N   H    sing N N 40  
ASN N   H2   sing N N 41  
ASN CA  C    sing N N 42  
ASN CA  CB   sing N N 43  
ASN CA  HA   sing N N 44  
ASN C   O    doub N N 45  
ASN C   OXT  sing N N 46  
ASN CB  CG   sing N N 47  
ASN CB  HB2  sing N N 48  
ASN CB  HB3  sing N N 49  
ASN CG  OD1  doub N N 50  
ASN CG  ND2  sing N N 51  
ASN ND2 HD21 sing N N 52  
ASN ND2 HD22 sing N N 53  
ASN OXT HXT  sing N N 54  
ASP N   CA   sing N N 55  
ASP N   H    sing N N 56  
ASP N   H2   sing N N 57  
ASP CA  C    sing N N 58  
ASP CA  CB   sing N N 59  
ASP CA  HA   sing N N 60  
ASP C   O    doub N N 61  
ASP C   OXT  sing N N 62  
ASP CB  CG   sing N N 63  
ASP CB  HB2  sing N N 64  
ASP CB  HB3  sing N N 65  
ASP CG  OD1  doub N N 66  
ASP CG  OD2  sing N N 67  
ASP OD2 HD2  sing N N 68  
ASP OXT HXT  sing N N 69  
CYS N   CA   sing N N 70  
CYS N   H    sing N N 71  
CYS N   H2   sing N N 72  
CYS CA  C    sing N N 73  
CYS CA  CB   sing N N 74  
CYS CA  HA   sing N N 75  
CYS C   O    doub N N 76  
CYS C   OXT  sing N N 77  
CYS CB  SG   sing N N 78  
CYS CB  HB2  sing N N 79  
CYS CB  HB3  sing N N 80  
CYS SG  HG   sing N N 81  
CYS OXT HXT  sing N N 82  
GLN N   CA   sing N N 83  
GLN N   H    sing N N 84  
GLN N   H2   sing N N 85  
GLN CA  C    sing N N 86  
GLN CA  CB   sing N N 87  
GLN CA  HA   sing N N 88  
GLN C   O    doub N N 89  
GLN C   OXT  sing N N 90  
GLN CB  CG   sing N N 91  
GLN CB  HB2  sing N N 92  
GLN CB  HB3  sing N N 93  
GLN CG  CD   sing N N 94  
GLN CG  HG2  sing N N 95  
GLN CG  HG3  sing N N 96  
GLN CD  OE1  doub N N 97  
GLN CD  NE2  sing N N 98  
GLN NE2 HE21 sing N N 99  
GLN NE2 HE22 sing N N 100 
GLN OXT HXT  sing N N 101 
GLU N   CA   sing N N 102 
GLU N   H    sing N N 103 
GLU N   H2   sing N N 104 
GLU CA  C    sing N N 105 
GLU CA  CB   sing N N 106 
GLU CA  HA   sing N N 107 
GLU C   O    doub N N 108 
GLU C   OXT  sing N N 109 
GLU CB  CG   sing N N 110 
GLU CB  HB2  sing N N 111 
GLU CB  HB3  sing N N 112 
GLU CG  CD   sing N N 113 
GLU CG  HG2  sing N N 114 
GLU CG  HG3  sing N N 115 
GLU CD  OE1  doub N N 116 
GLU CD  OE2  sing N N 117 
GLU OE2 HE2  sing N N 118 
GLU OXT HXT  sing N N 119 
GLY N   CA   sing N N 120 
GLY N   H    sing N N 121 
GLY N   H2   sing N N 122 
GLY CA  C    sing N N 123 
GLY CA  HA2  sing N N 124 
GLY CA  HA3  sing N N 125 
GLY C   O    doub N N 126 
GLY C   OXT  sing N N 127 
GLY OXT HXT  sing N N 128 
HIS N   CA   sing N N 129 
HIS N   H    sing N N 130 
HIS N   H2   sing N N 131 
HIS CA  C    sing N N 132 
HIS CA  CB   sing N N 133 
HIS CA  HA   sing N N 134 
HIS C   O    doub N N 135 
HIS C   OXT  sing N N 136 
HIS CB  CG   sing N N 137 
HIS CB  HB2  sing N N 138 
HIS CB  HB3  sing N N 139 
HIS CG  ND1  sing Y N 140 
HIS CG  CD2  doub Y N 141 
HIS ND1 CE1  doub Y N 142 
HIS ND1 HD1  sing N N 143 
HIS CD2 NE2  sing Y N 144 
HIS CD2 HD2  sing N N 145 
HIS CE1 NE2  sing Y N 146 
HIS CE1 HE1  sing N N 147 
HIS NE2 HE2  sing N N 148 
HIS OXT HXT  sing N N 149 
HOH O   H1   sing N N 150 
HOH O   H2   sing N N 151 
ILE N   CA   sing N N 152 
ILE N   H    sing N N 153 
ILE N   H2   sing N N 154 
ILE CA  C    sing N N 155 
ILE CA  CB   sing N N 156 
ILE CA  HA   sing N N 157 
ILE C   O    doub N N 158 
ILE C   OXT  sing N N 159 
ILE CB  CG1  sing N N 160 
ILE CB  CG2  sing N N 161 
ILE CB  HB   sing N N 162 
ILE CG1 CD1  sing N N 163 
ILE CG1 HG12 sing N N 164 
ILE CG1 HG13 sing N N 165 
ILE CG2 HG21 sing N N 166 
ILE CG2 HG22 sing N N 167 
ILE CG2 HG23 sing N N 168 
ILE CD1 HD11 sing N N 169 
ILE CD1 HD12 sing N N 170 
ILE CD1 HD13 sing N N 171 
ILE OXT HXT  sing N N 172 
LEU N   CA   sing N N 173 
LEU N   H    sing N N 174 
LEU N   H2   sing N N 175 
LEU CA  C    sing N N 176 
LEU CA  CB   sing N N 177 
LEU CA  HA   sing N N 178 
LEU C   O    doub N N 179 
LEU C   OXT  sing N N 180 
LEU CB  CG   sing N N 181 
LEU CB  HB2  sing N N 182 
LEU CB  HB3  sing N N 183 
LEU CG  CD1  sing N N 184 
LEU CG  CD2  sing N N 185 
LEU CG  HG   sing N N 186 
LEU CD1 HD11 sing N N 187 
LEU CD1 HD12 sing N N 188 
LEU CD1 HD13 sing N N 189 
LEU CD2 HD21 sing N N 190 
LEU CD2 HD22 sing N N 191 
LEU CD2 HD23 sing N N 192 
LEU OXT HXT  sing N N 193 
LYS N   CA   sing N N 194 
LYS N   H    sing N N 195 
LYS N   H2   sing N N 196 
LYS CA  C    sing N N 197 
LYS CA  CB   sing N N 198 
LYS CA  HA   sing N N 199 
LYS C   O    doub N N 200 
LYS C   OXT  sing N N 201 
LYS CB  CG   sing N N 202 
LYS CB  HB2  sing N N 203 
LYS CB  HB3  sing N N 204 
LYS CG  CD   sing N N 205 
LYS CG  HG2  sing N N 206 
LYS CG  HG3  sing N N 207 
LYS CD  CE   sing N N 208 
LYS CD  HD2  sing N N 209 
LYS CD  HD3  sing N N 210 
LYS CE  NZ   sing N N 211 
LYS CE  HE2  sing N N 212 
LYS CE  HE3  sing N N 213 
LYS NZ  HZ1  sing N N 214 
LYS NZ  HZ2  sing N N 215 
LYS NZ  HZ3  sing N N 216 
LYS OXT HXT  sing N N 217 
MET N   CA   sing N N 218 
MET N   H    sing N N 219 
MET N   H2   sing N N 220 
MET CA  C    sing N N 221 
MET CA  CB   sing N N 222 
MET CA  HA   sing N N 223 
MET C   O    doub N N 224 
MET C   OXT  sing N N 225 
MET CB  CG   sing N N 226 
MET CB  HB2  sing N N 227 
MET CB  HB3  sing N N 228 
MET CG  SD   sing N N 229 
MET CG  HG2  sing N N 230 
MET CG  HG3  sing N N 231 
MET SD  CE   sing N N 232 
MET CE  HE1  sing N N 233 
MET CE  HE2  sing N N 234 
MET CE  HE3  sing N N 235 
MET OXT HXT  sing N N 236 
PHE N   CA   sing N N 237 
PHE N   H    sing N N 238 
PHE N   H2   sing N N 239 
PHE CA  C    sing N N 240 
PHE CA  CB   sing N N 241 
PHE CA  HA   sing N N 242 
PHE C   O    doub N N 243 
PHE C   OXT  sing N N 244 
PHE CB  CG   sing N N 245 
PHE CB  HB2  sing N N 246 
PHE CB  HB3  sing N N 247 
PHE CG  CD1  doub Y N 248 
PHE CG  CD2  sing Y N 249 
PHE CD1 CE1  sing Y N 250 
PHE CD1 HD1  sing N N 251 
PHE CD2 CE2  doub Y N 252 
PHE CD2 HD2  sing N N 253 
PHE CE1 CZ   doub Y N 254 
PHE CE1 HE1  sing N N 255 
PHE CE2 CZ   sing Y N 256 
PHE CE2 HE2  sing N N 257 
PHE CZ  HZ   sing N N 258 
PHE OXT HXT  sing N N 259 
PRO N   CA   sing N N 260 
PRO N   CD   sing N N 261 
PRO N   H    sing N N 262 
PRO CA  C    sing N N 263 
PRO CA  CB   sing N N 264 
PRO CA  HA   sing N N 265 
PRO C   O    doub N N 266 
PRO C   OXT  sing N N 267 
PRO CB  CG   sing N N 268 
PRO CB  HB2  sing N N 269 
PRO CB  HB3  sing N N 270 
PRO CG  CD   sing N N 271 
PRO CG  HG2  sing N N 272 
PRO CG  HG3  sing N N 273 
PRO CD  HD2  sing N N 274 
PRO CD  HD3  sing N N 275 
PRO OXT HXT  sing N N 276 
SER N   CA   sing N N 277 
SER N   H    sing N N 278 
SER N   H2   sing N N 279 
SER CA  C    sing N N 280 
SER CA  CB   sing N N 281 
SER CA  HA   sing N N 282 
SER C   O    doub N N 283 
SER C   OXT  sing N N 284 
SER CB  OG   sing N N 285 
SER CB  HB2  sing N N 286 
SER CB  HB3  sing N N 287 
SER OG  HG   sing N N 288 
SER OXT HXT  sing N N 289 
SO4 S   O1   doub N N 290 
SO4 S   O2   doub N N 291 
SO4 S   O3   sing N N 292 
SO4 S   O4   sing N N 293 
THR N   CA   sing N N 294 
THR N   H    sing N N 295 
THR N   H2   sing N N 296 
THR CA  C    sing N N 297 
THR CA  CB   sing N N 298 
THR CA  HA   sing N N 299 
THR C   O    doub N N 300 
THR C   OXT  sing N N 301 
THR CB  OG1  sing N N 302 
THR CB  CG2  sing N N 303 
THR CB  HB   sing N N 304 
THR OG1 HG1  sing N N 305 
THR CG2 HG21 sing N N 306 
THR CG2 HG22 sing N N 307 
THR CG2 HG23 sing N N 308 
THR OXT HXT  sing N N 309 
TRP N   CA   sing N N 310 
TRP N   H    sing N N 311 
TRP N   H2   sing N N 312 
TRP CA  C    sing N N 313 
TRP CA  CB   sing N N 314 
TRP CA  HA   sing N N 315 
TRP C   O    doub N N 316 
TRP C   OXT  sing N N 317 
TRP CB  CG   sing N N 318 
TRP CB  HB2  sing N N 319 
TRP CB  HB3  sing N N 320 
TRP CG  CD1  doub Y N 321 
TRP CG  CD2  sing Y N 322 
TRP CD1 NE1  sing Y N 323 
TRP CD1 HD1  sing N N 324 
TRP CD2 CE2  doub Y N 325 
TRP CD2 CE3  sing Y N 326 
TRP NE1 CE2  sing Y N 327 
TRP NE1 HE1  sing N N 328 
TRP CE2 CZ2  sing Y N 329 
TRP CE3 CZ3  doub Y N 330 
TRP CE3 HE3  sing N N 331 
TRP CZ2 CH2  doub Y N 332 
TRP CZ2 HZ2  sing N N 333 
TRP CZ3 CH2  sing Y N 334 
TRP CZ3 HZ3  sing N N 335 
TRP CH2 HH2  sing N N 336 
TRP OXT HXT  sing N N 337 
TYR N   CA   sing N N 338 
TYR N   H    sing N N 339 
TYR N   H2   sing N N 340 
TYR CA  C    sing N N 341 
TYR CA  CB   sing N N 342 
TYR CA  HA   sing N N 343 
TYR C   O    doub N N 344 
TYR C   OXT  sing N N 345 
TYR CB  CG   sing N N 346 
TYR CB  HB2  sing N N 347 
TYR CB  HB3  sing N N 348 
TYR CG  CD1  doub Y N 349 
TYR CG  CD2  sing Y N 350 
TYR CD1 CE1  sing Y N 351 
TYR CD1 HD1  sing N N 352 
TYR CD2 CE2  doub Y N 353 
TYR CD2 HD2  sing N N 354 
TYR CE1 CZ   doub Y N 355 
TYR CE1 HE1  sing N N 356 
TYR CE2 CZ   sing Y N 357 
TYR CE2 HE2  sing N N 358 
TYR CZ  OH   sing N N 359 
TYR OH  HH   sing N N 360 
TYR OXT HXT  sing N N 361 
VAL N   CA   sing N N 362 
VAL N   H    sing N N 363 
VAL N   H2   sing N N 364 
VAL CA  C    sing N N 365 
VAL CA  CB   sing N N 366 
VAL CA  HA   sing N N 367 
VAL C   O    doub N N 368 
VAL C   OXT  sing N N 369 
VAL CB  CG1  sing N N 370 
VAL CB  CG2  sing N N 371 
VAL CB  HB   sing N N 372 
VAL CG1 HG11 sing N N 373 
VAL CG1 HG12 sing N N 374 
VAL CG1 HG13 sing N N 375 
VAL CG2 HG21 sing N N 376 
VAL CG2 HG22 sing N N 377 
VAL CG2 HG23 sing N N 378 
VAL OXT HXT  sing N N 379 
# 
loop_
_pdbx_entity_nonpoly.entity_id 
_pdbx_entity_nonpoly.name 
_pdbx_entity_nonpoly.comp_id 
2 'SULFATE ION' SO4 
3 water         HOH 
# 
_pdbx_initial_refinement_model.id               1 
_pdbx_initial_refinement_model.entity_id_list   ? 
_pdbx_initial_refinement_model.type             'experimental model' 
_pdbx_initial_refinement_model.source_name      PDB 
_pdbx_initial_refinement_model.accession_code   1BY9 
_pdbx_initial_refinement_model.details          'PDB entry 1BY9' 
# 
